data_5UBL
#
_entry.id   5UBL
#
_cell.length_a   121.251
_cell.length_b   166.120
_cell.length_c   94.260
_cell.angle_alpha   90.00
_cell.angle_beta   90.00
_cell.angle_gamma   90.00
#
_symmetry.space_group_name_H-M   'C 2 2 21'
#
loop_
_entity.id
_entity.type
_entity.pdbx_description
1 polymer 'Acyl-homoserine lactone acylase PvdQ'
2 water water
#
_entity_poly.entity_id   1
_entity_poly.type   'polypeptide(L)'
_entity_poly.pdbx_seq_one_letter_code
;SNAIAVGSERSADGKGMLLANPHFPWNGAMRFYQMHLTIPGRLDVMGASLPGLPVVNIGFSRHLAWTHTVDTSSHFTLYR
LALDPKDPRRYLVDGRSLPLEEKSVAIEVRGADGKLSRVEHKVYQSIYGPLVVWPGKLDWNRSEAYALRDANLENTRVLQ
QWYSINQASDVADLRRRVEALQGIPWVNTLAADEQGNALYMNQSVVPYLKPELIPACAIPQLVAEGLPALQGQDSRCAWS
RDPAAAQAGITPAAQLPVLLRRDFVQNSNDSAWLTNPASPLQGFSPLVSQEKPIGPRARYALSRLQGKQPLEAKTLEEMV
TANHVFSADQVLPDLLRLCRDNQGEKSLARACAALAQWDRGANLDSGSGFVYFQRFMQRFAELDGAWKEPFDAQRPLDTP
QGIALDRPQVATQVRQALADAAAEVEKSGIPDGARWGDLQVSTRGQERIAIPGGDGHFGVYNAIQSVRKGDHLEVVGGTS
YIQLVTFPEEGPKARGLLAFSQSSDPRSPHYRDQTELFSRQQWQTLPFSDRQIDADPQLQRLSIREGSSDMPRPTGLAAD
IRWTAYGVPHIRAKDERGLGYGIGYAYARDNACLLAEEIVTARGERARYFGSEGKSSAELDNLPSDIFYAWLNQPEALQA
FWQAQTPAVRQLLEGYAAGFNRFLREADGKTTSCLGQPWLRAIATDDLLRLTRRLLVEGGVGQFADALVAAAPPGAEKVE
NLYFQSHHHHHH
;
_entity_poly.pdbx_strand_id   A
#
# COMPACT_ATOMS: atom_id res chain seq x y z
N SER A 1 -2.05 5.72 -4.08
CA SER A 1 -3.40 5.23 -4.36
C SER A 1 -4.34 6.40 -4.62
N ASN A 2 -5.38 6.18 -5.44
CA ASN A 2 -6.45 7.15 -5.60
C ASN A 2 -7.78 6.54 -5.18
N ALA A 3 -8.69 7.41 -4.72
CA ALA A 3 -10.05 7.00 -4.45
C ALA A 3 -10.98 8.19 -4.68
N ILE A 4 -12.13 7.94 -5.30
CA ILE A 4 -13.17 8.95 -5.46
C ILE A 4 -14.52 8.32 -5.14
N ALA A 5 -15.26 8.93 -4.22
CA ALA A 5 -16.64 8.54 -3.93
C ALA A 5 -17.56 9.69 -4.32
N VAL A 6 -18.60 9.38 -5.10
CA VAL A 6 -19.54 10.37 -5.60
C VAL A 6 -20.91 10.09 -5.02
N GLY A 7 -21.58 11.15 -4.55
CA GLY A 7 -22.89 11.04 -3.95
C GLY A 7 -24.03 11.47 -4.87
N SER A 8 -25.23 11.45 -4.30
CA SER A 8 -26.45 11.68 -5.07
C SER A 8 -26.52 13.08 -5.67
N GLU A 9 -25.81 14.06 -5.08
CA GLU A 9 -25.86 15.42 -5.62
C GLU A 9 -25.01 15.61 -6.86
N ARG A 10 -24.08 14.70 -7.17
CA ARG A 10 -23.22 14.87 -8.34
C ARG A 10 -23.26 13.71 -9.32
N SER A 11 -23.79 12.56 -8.92
CA SER A 11 -23.81 11.41 -9.83
CA SER A 11 -23.82 11.42 -9.82
C SER A 11 -24.91 11.58 -10.86
N ALA A 12 -24.65 11.03 -12.06
CA ALA A 12 -25.59 11.15 -13.17
C ALA A 12 -26.88 10.39 -12.93
N ASP A 13 -26.89 9.39 -12.05
CA ASP A 13 -28.09 8.64 -11.74
C ASP A 13 -28.68 8.96 -10.38
N GLY A 14 -28.08 9.88 -9.63
CA GLY A 14 -28.55 10.21 -8.30
C GLY A 14 -28.21 9.19 -7.23
N LYS A 15 -27.35 8.23 -7.51
CA LYS A 15 -26.97 7.21 -6.52
C LYS A 15 -25.46 7.26 -6.28
N GLY A 16 -24.99 6.41 -5.38
CA GLY A 16 -23.58 6.39 -5.08
C GLY A 16 -22.74 5.80 -6.19
N MET A 17 -21.45 6.15 -6.17
CA MET A 17 -20.50 5.66 -7.15
C MET A 17 -19.12 5.74 -6.53
N LEU A 18 -18.28 4.74 -6.80
CA LEU A 18 -16.96 4.70 -6.20
C LEU A 18 -15.92 4.26 -7.22
N LEU A 19 -14.84 5.02 -7.32
CA LEU A 19 -13.64 4.60 -8.05
C LEU A 19 -12.57 4.22 -7.05
N ALA A 20 -12.07 3.00 -7.16
CA ALA A 20 -10.96 2.48 -6.34
C ALA A 20 -9.78 2.26 -7.25
N ASN A 21 -8.70 3.02 -7.03
CA ASN A 21 -7.46 2.90 -7.80
C ASN A 21 -6.27 2.82 -6.84
N PRO A 22 -6.21 1.78 -6.01
CA PRO A 22 -5.05 1.62 -5.13
C PRO A 22 -3.78 1.36 -5.92
N HIS A 23 -2.66 1.85 -5.39
CA HIS A 23 -1.35 1.74 -6.03
C HIS A 23 -0.49 0.86 -5.12
N PHE A 24 -0.21 -0.38 -5.55
CA PHE A 24 0.45 -1.35 -4.68
CA PHE A 24 0.47 -1.33 -4.67
C PHE A 24 1.49 -2.15 -5.46
N PRO A 25 2.37 -2.91 -4.80
CA PRO A 25 3.36 -3.70 -5.54
C PRO A 25 2.71 -4.72 -6.48
N TRP A 26 3.40 -4.99 -7.58
CA TRP A 26 3.00 -6.01 -8.54
C TRP A 26 3.49 -7.40 -8.16
N ASN A 27 4.26 -7.52 -7.08
CA ASN A 27 4.75 -8.81 -6.60
C ASN A 27 4.75 -8.80 -5.07
N GLY A 28 4.86 -9.98 -4.49
CA GLY A 28 5.19 -10.09 -3.09
C GLY A 28 3.99 -10.09 -2.17
N ALA A 29 4.26 -9.80 -0.88
CA ALA A 29 3.28 -9.95 0.20
C ALA A 29 2.13 -8.93 0.14
N MET A 30 2.19 -7.91 -0.72
CA MET A 30 1.08 -6.98 -0.87
C MET A 30 0.45 -7.04 -2.25
N ARG A 31 0.55 -8.19 -2.92
CA ARG A 31 -0.02 -8.36 -4.25
CA ARG A 31 -0.03 -8.35 -4.25
C ARG A 31 -1.51 -8.68 -4.13
N PHE A 32 -2.38 -7.78 -4.62
CA PHE A 32 -3.83 -8.00 -4.51
C PHE A 32 -4.28 -9.27 -5.24
N TYR A 33 -5.39 -9.85 -4.76
CA TYR A 33 -6.00 -11.06 -5.31
C TYR A 33 -7.52 -10.89 -5.27
N GLN A 34 -8.18 -11.09 -6.42
CA GLN A 34 -9.63 -10.94 -6.50
C GLN A 34 -10.36 -12.16 -5.93
N MET A 35 -11.43 -11.91 -5.18
CA MET A 35 -12.29 -12.99 -4.75
C MET A 35 -13.64 -12.47 -4.28
N HIS A 36 -14.61 -13.39 -4.28
CA HIS A 36 -15.99 -13.11 -3.89
C HIS A 36 -16.37 -14.13 -2.82
N LEU A 37 -16.85 -13.65 -1.67
CA LEU A 37 -17.11 -14.46 -0.49
C LEU A 37 -18.59 -14.41 -0.15
N THR A 38 -19.21 -15.58 0.06
CA THR A 38 -20.63 -15.63 0.39
C THR A 38 -20.88 -16.66 1.48
N ILE A 39 -21.47 -16.22 2.59
CA ILE A 39 -22.15 -17.12 3.52
C ILE A 39 -23.63 -16.78 3.40
N PRO A 40 -24.41 -17.56 2.66
CA PRO A 40 -25.74 -17.11 2.24
C PRO A 40 -26.58 -16.67 3.44
N GLY A 41 -27.18 -15.49 3.32
CA GLY A 41 -27.99 -14.92 4.35
C GLY A 41 -27.33 -13.83 5.15
N ARG A 42 -25.99 -13.83 5.25
CA ARG A 42 -25.36 -12.87 6.14
C ARG A 42 -24.02 -12.31 5.66
N LEU A 43 -23.44 -12.81 4.58
CA LEU A 43 -22.18 -12.27 4.08
C LEU A 43 -22.18 -12.43 2.57
N ASP A 44 -21.95 -11.34 1.85
CA ASP A 44 -21.88 -11.43 0.39
C ASP A 44 -21.10 -10.21 -0.10
N VAL A 45 -19.81 -10.41 -0.36
CA VAL A 45 -18.87 -9.31 -0.61
C VAL A 45 -17.87 -9.76 -1.67
N MET A 46 -17.45 -8.83 -2.51
CA MET A 46 -16.49 -9.14 -3.55
C MET A 46 -15.50 -8.01 -3.68
N GLY A 47 -14.26 -8.37 -4.04
CA GLY A 47 -13.27 -7.32 -4.23
C GLY A 47 -11.92 -7.95 -4.35
N ALA A 48 -10.92 -7.41 -3.66
CA ALA A 48 -9.57 -7.97 -3.70
C ALA A 48 -9.00 -8.00 -2.28
N SER A 49 -8.14 -8.97 -2.04
CA SER A 49 -7.54 -9.18 -0.72
C SER A 49 -6.03 -9.26 -0.87
N LEU A 50 -5.35 -9.27 0.26
CA LEU A 50 -3.90 -9.40 0.27
C LEU A 50 -3.50 -10.83 0.64
N PRO A 51 -2.31 -11.27 0.22
CA PRO A 51 -1.92 -12.69 0.43
C PRO A 51 -2.03 -13.13 1.88
N GLY A 52 -2.70 -14.26 2.08
CA GLY A 52 -2.83 -14.90 3.36
C GLY A 52 -4.00 -14.43 4.21
N LEU A 53 -4.76 -13.41 3.78
CA LEU A 53 -5.84 -12.83 4.59
C LEU A 53 -7.19 -13.35 4.12
N PRO A 54 -7.96 -14.04 4.96
CA PRO A 54 -9.24 -14.59 4.50
C PRO A 54 -10.40 -13.60 4.58
N VAL A 55 -10.16 -12.35 4.19
CA VAL A 55 -11.16 -11.29 4.17
C VAL A 55 -10.92 -10.47 2.91
N VAL A 56 -11.94 -9.74 2.48
CA VAL A 56 -11.80 -8.81 1.36
C VAL A 56 -11.31 -7.47 1.89
N ASN A 57 -10.23 -6.93 1.30
CA ASN A 57 -9.68 -5.68 1.82
CA ASN A 57 -9.61 -5.67 1.75
C ASN A 57 -10.25 -4.44 1.11
N ILE A 58 -10.52 -4.52 -0.19
CA ILE A 58 -11.15 -3.45 -0.97
C ILE A 58 -12.23 -4.11 -1.79
N GLY A 59 -13.43 -3.56 -1.79
CA GLY A 59 -14.51 -4.24 -2.50
C GLY A 59 -15.89 -3.64 -2.43
N PHE A 60 -16.91 -4.49 -2.59
CA PHE A 60 -18.27 -3.98 -2.64
C PHE A 60 -19.25 -5.07 -2.23
N SER A 61 -20.46 -4.65 -1.89
CA SER A 61 -21.56 -5.55 -1.56
C SER A 61 -22.84 -5.01 -2.18
N ARG A 62 -23.98 -5.58 -1.78
CA ARG A 62 -25.24 -5.26 -2.44
C ARG A 62 -25.51 -3.76 -2.47
N HIS A 63 -25.21 -3.04 -1.39
CA HIS A 63 -25.52 -1.63 -1.33
C HIS A 63 -24.30 -0.72 -1.08
N LEU A 64 -23.09 -1.26 -1.05
CA LEU A 64 -21.95 -0.49 -0.56
C LEU A 64 -20.70 -0.82 -1.36
N ALA A 65 -19.82 0.17 -1.53
CA ALA A 65 -18.49 -0.05 -2.06
C ALA A 65 -17.50 0.77 -1.26
N TRP A 66 -16.34 0.20 -0.97
CA TRP A 66 -15.35 0.93 -0.19
C TRP A 66 -13.96 0.62 -0.73
N THR A 67 -13.04 1.52 -0.44
CA THR A 67 -11.65 1.32 -0.82
C THR A 67 -10.78 2.04 0.21
N HIS A 68 -9.48 1.99 -0.02
CA HIS A 68 -8.52 2.54 0.93
C HIS A 68 -7.39 3.24 0.19
N THR A 69 -6.78 4.21 0.88
CA THR A 69 -5.55 4.86 0.42
C THR A 69 -4.62 5.01 1.61
N VAL A 70 -3.31 4.93 1.37
CA VAL A 70 -2.35 5.17 2.44
C VAL A 70 -2.50 6.60 2.93
N ASP A 71 -2.58 6.78 4.25
CA ASP A 71 -2.85 8.09 4.83
C ASP A 71 -1.55 8.77 5.22
N THR A 72 -1.64 10.02 5.68
CA THR A 72 -0.47 10.77 6.11
C THR A 72 -0.33 10.82 7.62
N SER A 73 -1.22 10.18 8.37
CA SER A 73 -1.10 10.19 9.80
C SER A 73 0.09 9.35 10.22
N SER A 74 0.61 9.64 11.41
CA SER A 74 1.68 8.83 11.97
C SER A 74 1.07 7.64 12.67
N HIS A 75 1.72 6.48 12.54
CA HIS A 75 1.26 5.25 13.18
C HIS A 75 2.31 4.72 14.15
N PHE A 76 3.30 5.55 14.45
CA PHE A 76 4.34 5.25 15.41
C PHE A 76 4.84 6.60 15.89
N THR A 77 5.62 6.57 16.97
CA THR A 77 6.46 7.72 17.31
C THR A 77 7.88 7.25 17.56
N LEU A 78 8.85 8.07 17.17
CA LEU A 78 10.21 7.91 17.65
C LEU A 78 10.34 8.59 19.00
N TYR A 79 11.17 8.04 19.86
CA TYR A 79 11.48 8.62 21.16
C TYR A 79 12.98 8.87 21.23
N ARG A 80 13.38 10.12 21.42
CA ARG A 80 14.79 10.41 21.65
C ARG A 80 15.12 10.09 23.09
N LEU A 81 16.03 9.15 23.30
CA LEU A 81 16.44 8.76 24.63
C LEU A 81 17.56 9.67 25.10
N ALA A 82 17.58 9.96 26.41
CA ALA A 82 18.72 10.60 27.06
C ALA A 82 19.48 9.49 27.79
N LEU A 83 20.70 9.22 27.34
CA LEU A 83 21.42 8.08 27.89
C LEU A 83 22.03 8.43 29.24
N ASP A 84 22.20 7.40 30.08
CA ASP A 84 22.93 7.52 31.33
C ASP A 84 24.36 7.97 31.05
N PRO A 85 24.82 9.10 31.60
CA PRO A 85 26.21 9.52 31.34
C PRO A 85 27.24 8.47 31.74
N LYS A 86 26.94 7.63 32.73
CA LYS A 86 27.84 6.57 33.17
C LYS A 86 27.76 5.30 32.31
N ASP A 87 26.69 5.14 31.49
CA ASP A 87 26.45 3.84 30.86
C ASP A 87 25.58 3.99 29.61
N PRO A 88 26.13 3.83 28.41
CA PRO A 88 25.34 4.03 27.18
C PRO A 88 24.26 2.98 26.94
N ARG A 89 24.16 1.95 27.78
CA ARG A 89 23.08 0.97 27.68
C ARG A 89 22.01 1.21 28.71
N ARG A 90 22.04 2.37 29.37
CA ARG A 90 20.96 2.80 30.24
C ARG A 90 20.47 4.15 29.78
N TYR A 91 19.21 4.44 30.07
CA TYR A 91 18.61 5.68 29.63
C TYR A 91 17.78 6.28 30.76
N LEU A 92 17.57 7.58 30.67
CA LEU A 92 16.99 8.35 31.77
C LEU A 92 15.54 8.68 31.48
N VAL A 93 14.66 8.39 32.45
CA VAL A 93 13.27 8.84 32.41
C VAL A 93 13.01 9.56 33.73
N ASP A 94 12.62 10.82 33.66
CA ASP A 94 12.44 11.66 34.87
C ASP A 94 13.68 11.59 35.75
N GLY A 95 14.84 11.59 35.11
CA GLY A 95 16.12 11.56 35.77
C GLY A 95 16.55 10.23 36.36
N ARG A 96 15.73 9.18 36.24
CA ARG A 96 16.06 7.87 36.79
C ARG A 96 16.65 6.99 35.69
N SER A 97 17.75 6.32 36.01
CA SER A 97 18.46 5.51 35.02
C SER A 97 17.80 4.14 34.92
N LEU A 98 17.34 3.79 33.70
CA LEU A 98 16.71 2.50 33.39
C LEU A 98 17.60 1.66 32.48
N PRO A 99 17.66 0.34 32.69
CA PRO A 99 18.44 -0.51 31.80
C PRO A 99 17.65 -0.85 30.54
N LEU A 100 18.36 -0.92 29.42
CA LEU A 100 17.77 -1.47 28.21
C LEU A 100 17.59 -2.98 28.37
N GLU A 101 16.48 -3.50 27.87
CA GLU A 101 16.33 -4.95 27.82
C GLU A 101 17.01 -5.49 26.56
N GLU A 102 17.56 -6.69 26.69
CA GLU A 102 18.32 -7.33 25.62
C GLU A 102 17.59 -8.61 25.20
N LYS A 103 17.16 -8.66 23.95
CA LYS A 103 16.51 -9.83 23.37
C LYS A 103 17.36 -10.39 22.24
N SER A 104 17.83 -11.63 22.40
CA SER A 104 18.64 -12.28 21.40
CA SER A 104 18.64 -12.27 21.40
C SER A 104 17.77 -13.20 20.54
N VAL A 105 17.93 -13.10 19.22
CA VAL A 105 17.26 -13.99 18.29
C VAL A 105 18.35 -14.78 17.59
N ALA A 106 18.01 -16.00 17.21
CA ALA A 106 18.98 -16.90 16.58
C ALA A 106 18.47 -17.28 15.20
N ILE A 107 19.30 -17.05 14.19
CA ILE A 107 18.98 -17.25 12.78
C ILE A 107 19.90 -18.31 12.22
N GLU A 108 19.35 -19.23 11.45
CA GLU A 108 20.17 -20.21 10.75
C GLU A 108 20.45 -19.73 9.34
N VAL A 109 21.71 -19.87 8.91
CA VAL A 109 22.20 -19.31 7.66
C VAL A 109 22.80 -20.44 6.83
N ARG A 110 22.32 -20.63 5.61
CA ARG A 110 22.90 -21.61 4.69
C ARG A 110 24.15 -21.02 4.04
N GLY A 111 25.29 -21.68 4.22
CA GLY A 111 26.55 -21.20 3.69
C GLY A 111 26.84 -21.72 2.29
N ALA A 112 27.96 -21.23 1.74
CA ALA A 112 28.38 -21.64 0.40
C ALA A 112 28.55 -23.15 0.30
N ASP A 113 28.94 -23.80 1.39
CA ASP A 113 29.12 -25.24 1.45
C ASP A 113 27.84 -26.00 1.75
N GLY A 114 26.68 -25.34 1.68
CA GLY A 114 25.39 -25.97 1.95
C GLY A 114 25.08 -26.27 3.39
N LYS A 115 26.01 -26.08 4.32
CA LYS A 115 25.73 -26.35 5.72
C LYS A 115 25.04 -25.15 6.38
N LEU A 116 24.31 -25.44 7.44
CA LEU A 116 23.67 -24.38 8.23
C LEU A 116 24.57 -23.95 9.37
N SER A 117 24.64 -22.64 9.59
CA SER A 117 25.31 -22.08 10.76
CA SER A 117 25.30 -22.10 10.77
C SER A 117 24.34 -21.17 11.48
N ARG A 118 24.53 -21.04 12.79
CA ARG A 118 23.64 -20.28 13.65
C ARG A 118 24.23 -18.90 13.91
N VAL A 119 23.43 -17.86 13.70
CA VAL A 119 23.84 -16.49 13.96
C VAL A 119 22.94 -15.93 15.06
N GLU A 120 23.56 -15.39 16.11
CA GLU A 120 22.83 -14.78 17.21
C GLU A 120 22.94 -13.27 17.09
N HIS A 121 21.81 -12.58 17.31
CA HIS A 121 21.75 -11.14 17.17
C HIS A 121 20.99 -10.55 18.34
N LYS A 122 21.56 -9.51 18.97
CA LYS A 122 20.95 -8.85 20.12
C LYS A 122 20.07 -7.68 19.67
N VAL A 123 18.81 -7.66 20.11
CA VAL A 123 17.92 -6.52 19.87
C VAL A 123 17.72 -5.79 21.19
N TYR A 124 18.19 -4.54 21.26
CA TYR A 124 18.04 -3.74 22.46
C TYR A 124 16.67 -3.06 22.46
N GLN A 125 16.01 -3.06 23.62
CA GLN A 125 14.69 -2.45 23.72
C GLN A 125 14.57 -1.57 24.96
N SER A 126 13.81 -0.50 24.82
CA SER A 126 13.43 0.39 25.90
C SER A 126 11.97 0.14 26.26
N ILE A 127 11.49 0.86 27.29
CA ILE A 127 10.07 0.80 27.63
C ILE A 127 9.19 1.22 26.47
N TYR A 128 9.72 2.00 25.51
CA TYR A 128 8.94 2.38 24.34
C TYR A 128 8.97 1.34 23.23
N GLY A 129 9.99 0.48 23.19
CA GLY A 129 10.17 -0.38 22.05
C GLY A 129 11.62 -0.43 21.64
N PRO A 130 11.89 -1.04 20.48
CA PRO A 130 13.27 -1.30 20.07
C PRO A 130 14.01 -0.03 19.69
N LEU A 131 15.32 -0.06 19.87
CA LEU A 131 16.17 1.04 19.43
C LEU A 131 16.41 0.92 17.93
N VAL A 132 16.53 2.07 17.27
CA VAL A 132 16.76 2.13 15.82
C VAL A 132 17.91 3.10 15.55
N VAL A 133 18.73 2.78 14.56
CA VAL A 133 19.86 3.62 14.16
CA VAL A 133 19.80 3.69 14.17
C VAL A 133 19.76 3.93 12.67
N TRP A 134 19.79 5.20 12.31
CA TRP A 134 19.98 5.66 10.95
CA TRP A 134 19.97 5.72 10.95
C TRP A 134 21.30 6.43 10.95
N PRO A 135 22.37 5.86 10.40
CA PRO A 135 23.68 6.53 10.51
C PRO A 135 23.64 7.94 9.96
N GLY A 136 24.08 8.90 10.77
CA GLY A 136 24.12 10.29 10.39
C GLY A 136 22.87 11.09 10.74
N LYS A 137 21.82 10.44 11.24
CA LYS A 137 20.59 11.14 11.55
C LYS A 137 20.02 10.68 12.90
N LEU A 138 19.92 9.37 13.10
CA LEU A 138 19.45 8.80 14.37
C LEU A 138 20.54 7.86 14.87
N ASP A 139 21.57 8.44 15.49
CA ASP A 139 22.70 7.64 15.92
C ASP A 139 22.45 7.06 17.32
N TRP A 140 23.33 6.16 17.74
CA TRP A 140 23.37 5.71 19.12
C TRP A 140 24.79 6.03 19.62
N ASN A 141 24.94 7.15 20.31
CA ASN A 141 26.26 7.53 20.80
C ASN A 141 26.23 7.48 22.33
N ARG A 142 27.07 8.27 23.00
CA ARG A 142 27.07 8.19 24.46
C ARG A 142 26.08 9.16 25.10
N SER A 143 25.43 10.01 24.31
CA SER A 143 24.49 11.00 24.80
C SER A 143 23.05 10.67 24.49
N GLU A 144 22.78 10.09 23.32
CA GLU A 144 21.40 9.89 22.91
C GLU A 144 21.29 8.65 22.03
N ALA A 145 20.08 8.09 22.02
CA ALA A 145 19.69 7.02 21.13
C ALA A 145 18.22 7.22 20.81
N TYR A 146 17.69 6.40 19.92
CA TYR A 146 16.30 6.53 19.51
C TYR A 146 15.60 5.20 19.61
N ALA A 147 14.40 5.21 20.18
CA ALA A 147 13.53 4.04 20.26
C ALA A 147 12.28 4.31 19.43
N LEU A 148 11.59 3.23 19.05
CA LEU A 148 10.42 3.36 18.19
C LEU A 148 9.26 2.61 18.81
N ARG A 149 8.16 3.30 19.06
CA ARG A 149 6.93 2.67 19.55
C ARG A 149 5.90 2.63 18.44
N ASP A 150 5.58 1.44 17.96
CA ASP A 150 4.67 1.25 16.84
C ASP A 150 3.26 0.99 17.39
N ALA A 151 2.29 1.81 16.98
CA ALA A 151 0.95 1.71 17.54
C ALA A 151 0.23 0.43 17.11
N ASN A 152 0.61 -0.14 15.97
CA ASN A 152 -0.13 -1.30 15.47
C ASN A 152 0.38 -2.63 16.01
N LEU A 153 1.48 -2.65 16.77
CA LEU A 153 1.88 -3.88 17.43
C LEU A 153 0.82 -4.39 18.39
N GLU A 154 0.03 -3.50 18.99
CA GLU A 154 -1.05 -3.88 19.89
C GLU A 154 -2.42 -3.95 19.21
N ASN A 155 -2.50 -3.70 17.91
CA ASN A 155 -3.75 -3.77 17.16
C ASN A 155 -4.02 -5.24 16.81
N THR A 156 -4.62 -5.95 17.76
CA THR A 156 -5.09 -7.32 17.52
C THR A 156 -6.41 -7.36 16.77
N ARG A 157 -6.99 -6.21 16.43
CA ARG A 157 -8.32 -6.13 15.86
C ARG A 157 -8.34 -6.07 14.33
N VAL A 158 -7.18 -6.22 13.67
CA VAL A 158 -7.11 -5.86 12.25
C VAL A 158 -7.94 -6.82 11.38
N LEU A 159 -7.91 -8.13 11.68
CA LEU A 159 -8.67 -9.08 10.86
C LEU A 159 -10.16 -8.98 11.16
N GLN A 160 -10.51 -8.86 12.44
CA GLN A 160 -11.90 -8.63 12.81
C GLN A 160 -12.46 -7.40 12.12
N GLN A 161 -11.63 -6.35 11.98
CA GLN A 161 -12.08 -5.10 11.38
C GLN A 161 -12.48 -5.27 9.92
N TRP A 162 -11.67 -6.00 9.14
CA TRP A 162 -12.08 -6.17 7.75
C TRP A 162 -13.20 -7.19 7.61
N TYR A 163 -13.24 -8.19 8.47
CA TYR A 163 -14.41 -9.07 8.42
C TYR A 163 -15.67 -8.27 8.71
N SER A 164 -15.58 -7.32 9.64
CA SER A 164 -16.74 -6.49 9.95
C SER A 164 -17.09 -5.59 8.78
N ILE A 165 -16.08 -4.96 8.17
CA ILE A 165 -16.32 -4.16 6.97
C ILE A 165 -17.03 -4.98 5.90
N ASN A 166 -16.60 -6.23 5.72
CA ASN A 166 -17.19 -7.12 4.73
C ASN A 166 -18.68 -7.35 4.97
N GLN A 167 -19.14 -7.19 6.21
CA GLN A 167 -20.54 -7.38 6.56
C GLN A 167 -21.33 -6.08 6.59
N ALA A 168 -20.70 -4.95 6.30
CA ALA A 168 -21.38 -3.66 6.39
C ALA A 168 -22.45 -3.53 5.30
N SER A 169 -23.59 -2.93 5.66
CA SER A 169 -24.71 -2.77 4.74
C SER A 169 -24.62 -1.49 3.92
N ASP A 170 -24.40 -0.36 4.58
CA ASP A 170 -24.31 0.91 3.87
C ASP A 170 -23.24 1.75 4.55
N VAL A 171 -23.14 3.02 4.10
CA VAL A 171 -22.06 3.90 4.54
C VAL A 171 -22.16 4.19 6.02
N ALA A 172 -23.37 4.43 6.52
CA ALA A 172 -23.55 4.68 7.96
C ALA A 172 -23.17 3.46 8.78
N ASP A 173 -23.53 2.26 8.31
CA ASP A 173 -23.12 1.04 9.02
C ASP A 173 -21.61 0.86 8.97
N LEU A 174 -21.01 1.11 7.81
CA LEU A 174 -19.57 1.00 7.68
C LEU A 174 -18.86 1.92 8.66
N ARG A 175 -19.33 3.17 8.77
CA ARG A 175 -18.73 4.13 9.69
C ARG A 175 -18.84 3.67 11.14
N ARG A 176 -20.03 3.20 11.55
CA ARG A 176 -20.21 2.65 12.89
C ARG A 176 -19.22 1.53 13.16
N ARG A 177 -19.07 0.60 12.21
CA ARG A 177 -18.27 -0.60 12.43
C ARG A 177 -16.79 -0.26 12.52
N VAL A 178 -16.34 0.75 11.78
CA VAL A 178 -14.93 1.12 11.82
C VAL A 178 -14.65 1.96 13.06
N GLU A 179 -15.52 2.92 13.36
CA GLU A 179 -15.30 3.72 14.57
C GLU A 179 -15.40 2.86 15.83
N ALA A 180 -16.25 1.83 15.82
CA ALA A 180 -16.43 1.00 17.01
C ALA A 180 -15.17 0.22 17.33
N LEU A 181 -14.55 -0.38 16.32
CA LEU A 181 -13.43 -1.30 16.54
C LEU A 181 -12.06 -0.63 16.41
N GLN A 182 -11.94 0.38 15.56
CA GLN A 182 -10.67 1.06 15.31
C GLN A 182 -9.56 0.05 15.00
N GLY A 183 -9.84 -0.86 14.08
CA GLY A 183 -8.86 -1.86 13.73
C GLY A 183 -8.07 -1.58 12.47
N ILE A 184 -8.29 -0.45 11.80
CA ILE A 184 -7.61 -0.15 10.53
C ILE A 184 -6.20 0.37 10.78
N PRO A 185 -5.15 -0.30 10.30
CA PRO A 185 -3.80 0.09 10.71
C PRO A 185 -3.27 1.41 10.14
N TRP A 186 -3.29 1.60 8.81
CA TRP A 186 -2.56 2.74 8.27
C TRP A 186 -3.13 3.26 6.94
N VAL A 187 -4.45 3.17 6.73
CA VAL A 187 -5.09 3.67 5.52
C VAL A 187 -6.32 4.50 5.87
N ASN A 188 -6.62 5.46 4.99
CA ASN A 188 -7.92 6.08 4.84
C ASN A 188 -8.94 5.08 4.30
N THR A 189 -10.22 5.37 4.53
CA THR A 189 -11.32 4.61 3.97
C THR A 189 -12.23 5.59 3.24
N LEU A 190 -12.58 5.27 2.01
CA LEU A 190 -13.55 6.03 1.24
C LEU A 190 -14.61 5.07 0.74
N ALA A 191 -15.86 5.51 0.72
CA ALA A 191 -16.99 4.62 0.43
C ALA A 191 -18.16 5.41 -0.13
N ALA A 192 -19.02 4.69 -0.85
CA ALA A 192 -20.27 5.23 -1.37
C ALA A 192 -21.32 4.14 -1.27
N ASP A 193 -22.58 4.54 -1.09
CA ASP A 193 -23.63 3.53 -1.06
C ASP A 193 -24.73 3.88 -2.05
N GLU A 194 -25.65 2.93 -2.21
CA GLU A 194 -26.70 3.09 -3.22
C GLU A 194 -27.56 4.32 -2.98
N GLN A 195 -27.81 4.70 -1.72
CA GLN A 195 -28.63 5.89 -1.50
C GLN A 195 -27.88 7.19 -1.73
N GLY A 196 -26.60 7.14 -2.10
CA GLY A 196 -25.89 8.31 -2.53
C GLY A 196 -25.10 9.04 -1.47
N ASN A 197 -24.71 8.38 -0.39
CA ASN A 197 -23.77 8.95 0.56
C ASN A 197 -22.35 8.68 0.09
N ALA A 198 -21.47 9.67 0.27
CA ALA A 198 -20.05 9.53 -0.03
C ALA A 198 -19.27 9.83 1.24
N LEU A 199 -18.47 8.86 1.68
CA LEU A 199 -17.81 8.93 2.98
C LEU A 199 -16.29 8.93 2.81
N TYR A 200 -15.63 9.81 3.56
CA TYR A 200 -14.19 9.77 3.77
C TYR A 200 -13.92 9.63 5.26
N MET A 201 -13.05 8.69 5.63
CA MET A 201 -12.63 8.48 7.01
C MET A 201 -11.11 8.35 7.08
N ASN A 202 -10.48 9.17 7.91
CA ASN A 202 -9.10 8.96 8.33
C ASN A 202 -9.10 8.22 9.67
N GLN A 203 -9.76 7.06 9.67
CA GLN A 203 -10.01 6.29 10.89
C GLN A 203 -9.01 5.14 10.92
N SER A 204 -7.84 5.39 11.49
CA SER A 204 -6.80 4.39 11.61
C SER A 204 -6.25 4.45 13.03
N VAL A 205 -5.22 3.65 13.29
CA VAL A 205 -4.61 3.53 14.61
C VAL A 205 -3.48 4.55 14.67
N VAL A 206 -3.67 5.60 15.48
CA VAL A 206 -2.76 6.75 15.51
C VAL A 206 -2.39 7.04 16.97
N PRO A 207 -1.09 7.11 17.30
CA PRO A 207 -0.70 7.49 18.66
C PRO A 207 -1.38 8.77 19.10
N TYR A 208 -1.83 8.78 20.34
CA TYR A 208 -2.60 9.90 20.89
C TYR A 208 -1.72 10.71 21.84
N LEU A 209 -1.62 12.01 21.58
CA LEU A 209 -1.06 12.98 22.51
C LEU A 209 -2.09 14.07 22.70
N LYS A 210 -2.48 14.32 23.96
CA LYS A 210 -3.35 15.45 24.29
C LYS A 210 -2.76 16.74 23.74
N PRO A 211 -3.61 17.68 23.29
CA PRO A 211 -3.08 18.83 22.54
C PRO A 211 -2.05 19.65 23.30
N GLU A 212 -2.21 19.81 24.61
CA GLU A 212 -1.27 20.62 25.39
C GLU A 212 0.12 19.99 25.42
N LEU A 213 0.22 18.67 25.26
CA LEU A 213 1.52 18.02 25.33
C LEU A 213 2.29 18.11 24.00
N ILE A 214 1.58 18.29 22.88
CA ILE A 214 2.22 18.10 21.58
C ILE A 214 3.38 19.07 21.32
N PRO A 215 3.22 20.37 21.53
CA PRO A 215 4.40 21.24 21.31
C PRO A 215 5.52 21.00 22.32
N ALA A 216 5.20 20.63 23.56
CA ALA A 216 6.24 20.41 24.55
C ALA A 216 6.98 19.10 24.31
N CYS A 217 6.28 18.07 23.83
CA CYS A 217 6.88 16.75 23.71
C CYS A 217 7.56 16.52 22.37
N ALA A 218 7.32 17.34 21.37
CA ALA A 218 7.93 17.12 20.06
C ALA A 218 9.43 17.45 20.09
N ILE A 219 10.16 16.85 19.15
CA ILE A 219 11.55 17.19 18.86
C ILE A 219 11.53 18.08 17.63
N PRO A 220 11.71 19.40 17.76
CA PRO A 220 11.38 20.30 16.63
C PRO A 220 12.17 20.02 15.36
N GLN A 221 13.48 19.80 15.45
CA GLN A 221 14.27 19.57 14.25
C GLN A 221 13.82 18.30 13.51
N LEU A 222 13.43 17.26 14.26
CA LEU A 222 13.03 16.02 13.59
C LEU A 222 11.61 16.11 13.05
N VAL A 223 10.71 16.75 13.78
CA VAL A 223 9.34 16.89 13.29
C VAL A 223 9.31 17.74 12.03
N ALA A 224 10.08 18.83 12.01
CA ALA A 224 10.13 19.70 10.83
C ALA A 224 10.60 18.94 9.61
N GLU A 225 11.41 17.91 9.81
CA GLU A 225 11.90 17.07 8.72
C GLU A 225 10.94 15.93 8.36
N GLY A 226 9.91 15.67 9.18
CA GLY A 226 8.90 14.71 8.78
C GLY A 226 8.78 13.47 9.64
N LEU A 227 9.49 13.44 10.75
CA LEU A 227 9.47 12.28 11.65
C LEU A 227 8.64 12.58 12.88
N PRO A 228 7.82 11.65 13.32
CA PRO A 228 7.02 11.84 14.56
C PRO A 228 7.83 11.58 15.83
N ALA A 229 8.70 12.52 16.19
CA ALA A 229 9.68 12.29 17.24
C ALA A 229 9.28 13.02 18.53
N LEU A 230 9.47 12.35 19.67
CA LEU A 230 9.06 12.86 20.97
C LEU A 230 10.23 12.79 21.95
N GLN A 231 10.10 13.55 23.04
CA GLN A 231 11.12 13.58 24.10
C GLN A 231 10.97 12.33 24.96
N GLY A 232 11.92 11.42 24.87
CA GLY A 232 11.79 10.16 25.58
C GLY A 232 12.40 10.14 26.96
N GLN A 233 12.87 11.28 27.48
CA GLN A 233 13.37 11.37 28.85
C GLN A 233 12.31 11.90 29.82
N ASP A 234 11.10 12.15 29.34
CA ASP A 234 10.02 12.77 30.10
C ASP A 234 8.83 11.84 30.13
N SER A 235 8.45 11.36 31.32
CA SER A 235 7.33 10.43 31.39
C SER A 235 6.01 11.06 30.98
N ARG A 236 5.94 12.39 30.94
CA ARG A 236 4.74 13.09 30.49
C ARG A 236 4.53 13.00 29.00
N CYS A 237 5.52 12.51 28.25
CA CYS A 237 5.43 12.36 26.80
C CYS A 237 5.01 10.95 26.39
N ALA A 238 4.63 10.11 27.35
CA ALA A 238 3.96 8.84 27.03
C ALA A 238 2.65 9.12 26.32
N TRP A 239 2.25 8.20 25.43
CA TRP A 239 0.97 8.39 24.75
C TRP A 239 -0.14 8.51 25.78
N SER A 240 -1.08 9.41 25.51
CA SER A 240 -2.15 9.69 26.46
C SER A 240 -3.21 8.61 26.39
N ARG A 241 -3.82 8.34 27.54
CA ARG A 241 -4.86 7.33 27.64
C ARG A 241 -6.21 8.02 27.69
N ASP A 242 -7.15 7.50 26.91
CA ASP A 242 -8.53 7.96 26.88
C ASP A 242 -9.41 6.72 26.75
N PRO A 243 -10.26 6.41 27.74
CA PRO A 243 -10.97 5.13 27.70
C PRO A 243 -12.01 5.02 26.59
N ALA A 244 -12.27 6.10 25.84
CA ALA A 244 -13.08 5.97 24.65
C ALA A 244 -12.33 5.29 23.49
N ALA A 245 -11.01 5.31 23.51
CA ALA A 245 -10.23 4.67 22.45
C ALA A 245 -10.29 3.16 22.58
N ALA A 246 -10.26 2.48 21.43
CA ALA A 246 -10.38 1.02 21.44
C ALA A 246 -9.13 0.35 21.97
N GLN A 247 -8.02 1.08 22.01
CA GLN A 247 -6.72 0.55 22.37
C GLN A 247 -5.99 1.60 23.21
N ALA A 248 -5.30 1.15 24.25
CA ALA A 248 -4.61 2.07 25.15
C ALA A 248 -3.56 2.87 24.39
N GLY A 249 -3.68 4.19 24.40
CA GLY A 249 -2.69 5.07 23.80
C GLY A 249 -3.01 5.54 22.39
N ILE A 250 -4.08 5.08 21.76
CA ILE A 250 -4.39 5.53 20.42
C ILE A 250 -5.46 6.61 20.47
N THR A 251 -5.63 7.31 19.36
CA THR A 251 -6.51 8.48 19.27
C THR A 251 -7.97 8.01 19.21
N PRO A 252 -8.85 8.52 20.09
CA PRO A 252 -10.26 8.16 20.01
C PRO A 252 -10.85 8.53 18.65
N ALA A 253 -11.81 7.70 18.21
CA ALA A 253 -12.36 7.85 16.86
C ALA A 253 -12.99 9.21 16.62
N ALA A 254 -13.61 9.80 17.65
CA ALA A 254 -14.26 11.10 17.45
C ALA A 254 -13.27 12.21 17.15
N GLN A 255 -11.99 12.03 17.44
CA GLN A 255 -11.00 13.07 17.15
C GLN A 255 -10.32 12.89 15.80
N LEU A 256 -10.74 11.91 14.98
CA LEU A 256 -10.10 11.69 13.68
C LEU A 256 -10.96 12.25 12.55
N PRO A 257 -10.36 12.67 11.44
CA PRO A 257 -11.14 13.32 10.38
C PRO A 257 -12.17 12.37 9.74
N VAL A 258 -13.40 12.88 9.58
CA VAL A 258 -14.46 12.22 8.82
C VAL A 258 -15.20 13.28 8.03
N LEU A 259 -15.47 12.99 6.76
CA LEU A 259 -16.33 13.84 5.94
C LEU A 259 -17.40 12.96 5.31
N LEU A 260 -18.67 13.30 5.57
CA LEU A 260 -19.81 12.58 5.01
C LEU A 260 -20.60 13.56 4.15
N ARG A 261 -20.61 13.34 2.84
CA ARG A 261 -21.17 14.29 1.90
C ARG A 261 -22.11 13.57 0.94
N ARG A 262 -22.79 14.36 0.12
CA ARG A 262 -23.51 13.80 -1.00
C ARG A 262 -23.00 14.32 -2.34
N ASP A 263 -21.93 15.12 -2.34
CA ASP A 263 -21.35 15.48 -3.64
C ASP A 263 -20.16 14.58 -3.99
N PHE A 264 -19.01 14.75 -3.34
CA PHE A 264 -17.90 13.84 -3.58
C PHE A 264 -16.90 13.97 -2.43
N VAL A 265 -16.05 12.95 -2.30
CA VAL A 265 -14.84 13.00 -1.50
C VAL A 265 -13.75 12.31 -2.32
N GLN A 266 -12.49 12.68 -2.09
CA GLN A 266 -11.39 12.10 -2.85
C GLN A 266 -10.14 12.08 -1.98
N ASN A 267 -9.22 11.19 -2.33
CA ASN A 267 -7.91 11.18 -1.68
C ASN A 267 -6.90 10.53 -2.61
N SER A 268 -5.72 11.12 -2.70
CA SER A 268 -4.58 10.57 -3.42
C SER A 268 -3.32 10.63 -2.57
N ASN A 269 -3.44 10.19 -1.31
CA ASN A 269 -2.35 10.06 -0.32
C ASN A 269 -1.91 11.38 0.31
N ASP A 270 -2.60 12.49 0.09
CA ASP A 270 -2.35 13.65 0.92
C ASP A 270 -3.19 13.55 2.20
N SER A 271 -3.10 14.58 3.04
CA SER A 271 -3.83 14.57 4.30
C SER A 271 -5.33 14.73 4.06
N ALA A 272 -6.08 14.68 5.16
CA ALA A 272 -7.53 14.89 5.12
C ALA A 272 -7.92 16.28 4.61
N TRP A 273 -7.02 17.27 4.76
CA TRP A 273 -7.32 18.68 4.53
C TRP A 273 -8.29 18.98 3.39
N LEU A 274 -7.92 18.66 2.16
CA LEU A 274 -8.71 19.00 0.97
C LEU A 274 -9.43 17.80 0.37
N THR A 275 -9.88 16.87 1.22
CA THR A 275 -10.75 15.79 0.76
C THR A 275 -11.89 16.32 -0.11
N ASN A 276 -12.52 17.41 0.31
CA ASN A 276 -13.41 18.16 -0.55
C ASN A 276 -13.20 19.63 -0.18
N PRO A 277 -12.66 20.44 -1.10
CA PRO A 277 -12.28 21.82 -0.73
C PRO A 277 -13.45 22.69 -0.33
N ALA A 278 -14.69 22.29 -0.62
CA ALA A 278 -15.84 23.05 -0.14
C ALA A 278 -16.02 22.92 1.36
N SER A 279 -15.38 21.94 1.99
CA SER A 279 -15.46 21.72 3.43
C SER A 279 -14.10 21.24 3.93
N PRO A 280 -13.11 22.14 3.98
CA PRO A 280 -11.75 21.73 4.38
C PRO A 280 -11.76 21.12 5.77
N LEU A 281 -10.89 20.14 5.98
CA LEU A 281 -10.78 19.48 7.28
C LEU A 281 -9.54 20.04 7.98
N GLN A 282 -9.76 20.68 9.13
CA GLN A 282 -8.72 21.46 9.79
C GLN A 282 -8.75 21.24 11.29
N GLY A 283 -7.65 21.64 11.94
CA GLY A 283 -7.60 21.67 13.39
C GLY A 283 -7.27 20.35 14.06
N PHE A 284 -6.60 19.45 13.36
CA PHE A 284 -6.22 18.15 13.92
C PHE A 284 -4.77 18.17 14.39
N SER A 285 -4.46 17.21 15.24
CA SER A 285 -3.07 17.00 15.66
C SER A 285 -2.15 16.85 14.46
N PRO A 286 -0.91 17.31 14.57
CA PRO A 286 0.06 17.03 13.50
C PRO A 286 0.39 15.55 13.35
N LEU A 287 0.10 14.73 14.36
CA LEU A 287 0.20 13.28 14.18
C LEU A 287 -0.93 12.74 13.33
N VAL A 288 -1.96 13.56 13.06
CA VAL A 288 -3.18 13.09 12.42
C VAL A 288 -3.32 13.63 11.01
N SER A 289 -3.31 14.96 10.86
CA SER A 289 -3.54 15.58 9.56
C SER A 289 -3.05 17.02 9.59
N GLN A 290 -2.33 17.42 8.54
CA GLN A 290 -1.76 18.76 8.43
C GLN A 290 -2.15 19.38 7.09
N GLU A 291 -2.13 20.72 7.06
CA GLU A 291 -2.47 21.46 5.85
CA GLU A 291 -2.48 21.47 5.84
C GLU A 291 -1.22 21.66 4.97
N LYS A 292 -0.83 20.58 4.37
CA LYS A 292 0.34 20.55 3.49
C LYS A 292 -0.08 20.64 2.02
N PRO A 293 0.68 21.32 1.17
CA PRO A 293 0.30 21.38 -0.25
C PRO A 293 0.03 19.99 -0.82
N ILE A 294 -1.08 19.87 -1.55
CA ILE A 294 -1.44 18.56 -2.11
C ILE A 294 -0.52 18.22 -3.28
N GLY A 295 -0.39 16.92 -3.51
CA GLY A 295 0.37 16.42 -4.63
C GLY A 295 -0.38 16.56 -5.92
N PRO A 296 0.32 16.33 -7.04
CA PRO A 296 -0.29 16.56 -8.35
C PRO A 296 -1.45 15.63 -8.69
N ARG A 297 -1.46 14.38 -8.19
CA ARG A 297 -2.60 13.50 -8.46
C ARG A 297 -3.88 14.09 -7.87
N ALA A 298 -3.85 14.53 -6.60
CA ALA A 298 -5.05 15.10 -6.00
C ALA A 298 -5.43 16.41 -6.67
N ARG A 299 -4.43 17.22 -7.01
CA ARG A 299 -4.69 18.45 -7.74
C ARG A 299 -5.36 18.14 -9.07
N TYR A 300 -4.90 17.09 -9.76
CA TYR A 300 -5.55 16.66 -11.00
C TYR A 300 -7.00 16.25 -10.75
N ALA A 301 -7.23 15.37 -9.77
CA ALA A 301 -8.58 14.90 -9.52
C ALA A 301 -9.52 16.06 -9.19
N LEU A 302 -9.09 16.96 -8.30
CA LEU A 302 -9.94 18.08 -7.94
C LEU A 302 -10.21 18.98 -9.16
N SER A 303 -9.27 19.08 -10.08
CA SER A 303 -9.50 19.87 -11.27
C SER A 303 -10.58 19.26 -12.14
N ARG A 304 -10.74 17.93 -12.08
CA ARG A 304 -11.77 17.25 -12.84
C ARG A 304 -13.09 17.13 -12.08
N LEU A 305 -13.06 17.18 -10.75
CA LEU A 305 -14.26 16.92 -9.96
C LEU A 305 -15.05 18.18 -9.59
N GLN A 306 -14.39 19.32 -9.46
CA GLN A 306 -15.09 20.51 -9.01
C GLN A 306 -15.99 21.07 -10.11
N GLY A 307 -17.02 21.79 -9.70
CA GLY A 307 -18.05 22.26 -10.60
C GLY A 307 -19.37 21.59 -10.32
N LYS A 308 -20.30 21.76 -11.26
CA LYS A 308 -21.67 21.31 -11.04
C LYS A 308 -22.17 20.32 -12.09
N GLN A 309 -21.31 19.91 -13.02
CA GLN A 309 -21.79 18.95 -14.01
C GLN A 309 -21.83 17.54 -13.41
N PRO A 310 -22.85 16.76 -13.74
CA PRO A 310 -22.95 15.41 -13.17
C PRO A 310 -21.80 14.53 -13.63
N LEU A 311 -21.43 13.58 -12.78
CA LEU A 311 -20.31 12.70 -13.01
C LEU A 311 -20.81 11.32 -13.38
N GLU A 312 -20.34 10.80 -14.51
CA GLU A 312 -20.69 9.46 -14.95
C GLU A 312 -19.56 8.49 -14.63
N ALA A 313 -19.93 7.20 -14.55
CA ALA A 313 -18.91 6.16 -14.40
C ALA A 313 -17.79 6.33 -15.42
N LYS A 314 -18.16 6.63 -16.66
CA LYS A 314 -17.19 6.77 -17.74
C LYS A 314 -16.21 7.90 -17.46
N THR A 315 -16.68 8.98 -16.82
CA THR A 315 -15.78 10.08 -16.49
C THR A 315 -14.71 9.64 -15.51
N LEU A 316 -15.10 8.85 -14.50
CA LEU A 316 -14.12 8.37 -13.53
C LEU A 316 -13.17 7.37 -14.16
N GLU A 317 -13.68 6.45 -14.98
CA GLU A 317 -12.80 5.53 -15.69
C GLU A 317 -11.77 6.28 -16.52
N GLU A 318 -12.18 7.33 -17.23
CA GLU A 318 -11.24 8.02 -18.12
C GLU A 318 -10.26 8.90 -17.35
N MET A 319 -10.55 9.26 -16.10
CA MET A 319 -9.51 9.88 -15.30
C MET A 319 -8.32 8.94 -15.11
N VAL A 320 -8.56 7.63 -15.09
CA VAL A 320 -7.47 6.67 -15.03
C VAL A 320 -6.87 6.43 -16.42
N THR A 321 -7.71 6.11 -17.40
CA THR A 321 -7.20 5.63 -18.69
C THR A 321 -6.67 6.74 -19.60
N ALA A 322 -6.85 8.01 -19.24
CA ALA A 322 -6.29 9.08 -20.06
C ALA A 322 -4.77 9.15 -19.93
N ASN A 323 -4.21 8.70 -18.80
CA ASN A 323 -2.76 8.72 -18.58
C ASN A 323 -2.17 10.12 -18.75
N HIS A 324 -2.92 11.13 -18.31
CA HIS A 324 -2.48 12.52 -18.46
C HIS A 324 -1.39 12.83 -17.45
N VAL A 325 -0.30 13.42 -17.92
CA VAL A 325 0.81 13.80 -17.05
C VAL A 325 0.52 15.22 -16.56
N PHE A 326 -0.22 15.31 -15.46
CA PHE A 326 -0.75 16.61 -15.03
C PHE A 326 0.33 17.58 -14.57
N SER A 327 1.52 17.09 -14.17
CA SER A 327 2.61 18.00 -13.82
C SER A 327 3.02 18.85 -15.00
N ALA A 328 2.79 18.38 -16.22
CA ALA A 328 3.17 19.15 -17.39
C ALA A 328 2.32 20.40 -17.52
N ASP A 329 1.08 20.37 -17.00
CA ASP A 329 0.22 21.53 -17.04
C ASP A 329 0.85 22.72 -16.33
N GLN A 330 1.74 22.47 -15.38
CA GLN A 330 2.29 23.56 -14.58
C GLN A 330 3.60 24.11 -15.11
N VAL A 331 4.37 23.33 -15.88
CA VAL A 331 5.69 23.80 -16.28
C VAL A 331 5.90 23.73 -17.79
N LEU A 332 5.18 22.83 -18.49
CA LEU A 332 5.48 22.61 -19.90
C LEU A 332 5.17 23.83 -20.77
N PRO A 333 4.07 24.59 -20.51
CA PRO A 333 3.91 25.87 -21.24
C PRO A 333 5.11 26.80 -21.12
N ASP A 334 5.49 27.21 -19.90
CA ASP A 334 6.72 28.00 -19.72
C ASP A 334 7.94 27.31 -20.31
N LEU A 335 8.05 25.97 -20.18
CA LEU A 335 9.21 25.28 -20.76
C LEU A 335 9.26 25.40 -22.29
N LEU A 336 8.12 25.26 -22.97
CA LEU A 336 8.15 25.32 -24.43
C LEU A 336 8.49 26.73 -24.95
N ARG A 337 8.14 27.78 -24.19
CA ARG A 337 8.56 29.14 -24.56
C ARG A 337 10.06 29.31 -24.45
N LEU A 338 10.67 28.78 -23.39
CA LEU A 338 12.12 28.75 -23.32
C LEU A 338 12.70 28.07 -24.55
N CYS A 339 12.08 26.98 -24.98
CA CYS A 339 12.55 26.30 -26.19
C CYS A 339 12.49 27.22 -27.40
N ARG A 340 11.40 27.99 -27.54
CA ARG A 340 11.30 28.94 -28.64
C ARG A 340 12.27 30.11 -28.49
N ASP A 341 12.72 30.40 -27.27
CA ASP A 341 13.73 31.43 -27.02
C ASP A 341 15.15 30.98 -27.35
N ASN A 342 15.39 29.69 -27.55
CA ASN A 342 16.74 29.16 -27.71
C ASN A 342 16.85 28.25 -28.92
N GLN A 343 16.18 28.61 -30.00
CA GLN A 343 16.37 27.90 -31.25
C GLN A 343 17.79 28.14 -31.76
N GLY A 344 18.41 27.11 -32.29
CA GLY A 344 19.81 27.19 -32.63
C GLY A 344 20.77 26.84 -31.53
N GLU A 345 20.29 26.65 -30.30
CA GLU A 345 21.08 25.99 -29.26
C GLU A 345 21.02 24.50 -29.57
N LYS A 346 22.03 23.99 -30.27
CA LYS A 346 21.98 22.60 -30.73
C LYS A 346 21.81 21.62 -29.58
N SER A 347 22.28 21.99 -28.37
CA SER A 347 22.15 21.07 -27.24
C SER A 347 20.70 20.84 -26.83
N LEU A 348 19.76 21.68 -27.27
CA LEU A 348 18.37 21.59 -26.87
C LEU A 348 17.43 21.16 -28.00
N ALA A 349 17.96 20.97 -29.22
CA ALA A 349 17.08 20.82 -30.38
C ALA A 349 16.26 19.52 -30.30
N ARG A 350 16.88 18.40 -29.97
CA ARG A 350 16.14 17.15 -29.88
C ARG A 350 15.11 17.20 -28.75
N ALA A 351 15.51 17.73 -27.59
CA ALA A 351 14.59 17.82 -26.46
C ALA A 351 13.39 18.69 -26.80
N CYS A 352 13.65 19.86 -27.39
CA CYS A 352 12.55 20.79 -27.66
C CYS A 352 11.62 20.25 -28.75
N ALA A 353 12.17 19.54 -29.73
CA ALA A 353 11.32 18.88 -30.72
C ALA A 353 10.43 17.82 -30.06
N ALA A 354 11.02 16.98 -29.21
CA ALA A 354 10.27 15.89 -28.58
C ALA A 354 9.22 16.43 -27.63
N LEU A 355 9.55 17.48 -26.87
CA LEU A 355 8.59 18.05 -25.94
C LEU A 355 7.46 18.76 -26.67
N ALA A 356 7.72 19.29 -27.87
CA ALA A 356 6.69 20.03 -28.60
C ALA A 356 5.68 19.09 -29.24
N GLN A 357 6.11 17.94 -29.76
CA GLN A 357 5.18 16.99 -30.35
C GLN A 357 4.39 16.21 -29.29
N TRP A 358 4.87 16.18 -28.06
CA TRP A 358 4.39 15.25 -27.04
C TRP A 358 2.91 15.47 -26.71
N ASP A 359 2.17 14.36 -26.58
CA ASP A 359 0.76 14.45 -26.25
C ASP A 359 0.50 14.68 -24.75
N ARG A 360 1.54 14.91 -23.96
CA ARG A 360 1.43 15.15 -22.51
C ARG A 360 0.92 13.94 -21.75
N GLY A 361 1.06 12.76 -22.33
CA GLY A 361 0.48 11.56 -21.77
C GLY A 361 1.57 10.55 -21.45
N ALA A 362 1.16 9.54 -20.69
CA ALA A 362 1.95 8.34 -20.47
C ALA A 362 1.27 7.14 -21.13
N ASN A 363 0.74 7.34 -22.34
CA ASN A 363 0.11 6.28 -23.12
C ASN A 363 1.16 5.40 -23.77
N LEU A 364 0.72 4.24 -24.27
CA LEU A 364 1.64 3.34 -24.96
C LEU A 364 2.32 4.04 -26.13
N ASP A 365 1.59 4.89 -26.84
CA ASP A 365 2.14 5.56 -28.02
C ASP A 365 2.57 6.99 -27.75
N SER A 366 2.67 7.40 -26.48
CA SER A 366 3.23 8.70 -26.18
C SER A 366 4.70 8.72 -26.60
N GLY A 367 5.14 9.85 -27.15
CA GLY A 367 6.49 9.96 -27.65
C GLY A 367 7.52 10.16 -26.55
N SER A 368 8.79 10.24 -26.98
CA SER A 368 9.92 10.37 -26.06
C SER A 368 9.91 11.67 -25.27
N GLY A 369 9.04 12.63 -25.60
CA GLY A 369 8.94 13.83 -24.80
C GLY A 369 8.58 13.56 -23.36
N PHE A 370 7.91 12.43 -23.09
CA PHE A 370 7.67 12.04 -21.70
C PHE A 370 8.99 11.77 -20.98
N VAL A 371 9.89 11.03 -21.62
CA VAL A 371 11.18 10.74 -21.03
C VAL A 371 11.97 12.02 -20.80
N TYR A 372 12.04 12.90 -21.83
CA TYR A 372 12.67 14.20 -21.63
C TYR A 372 12.02 14.96 -20.49
N PHE A 373 10.68 14.92 -20.40
CA PHE A 373 10.00 15.67 -19.36
C PHE A 373 10.34 15.14 -17.98
N GLN A 374 10.43 13.81 -17.83
CA GLN A 374 10.77 13.22 -16.53
C GLN A 374 12.17 13.66 -16.08
N ARG A 375 13.17 13.48 -16.94
CA ARG A 375 14.53 13.85 -16.54
C ARG A 375 14.66 15.34 -16.26
N PHE A 376 13.91 16.18 -16.99
CA PHE A 376 13.92 17.60 -16.66
C PHE A 376 13.34 17.83 -15.28
N MET A 377 12.18 17.23 -15.00
CA MET A 377 11.49 17.48 -13.74
C MET A 377 12.31 17.00 -12.55
N GLN A 378 13.12 15.96 -12.73
CA GLN A 378 13.98 15.52 -11.64
C GLN A 378 15.00 16.59 -11.28
N ARG A 379 15.41 17.40 -12.26
CA ARG A 379 16.31 18.52 -11.98
C ARG A 379 15.55 19.77 -11.57
N PHE A 380 14.40 20.05 -12.19
CA PHE A 380 13.60 21.22 -11.82
C PHE A 380 13.26 21.19 -10.34
N ALA A 381 13.01 19.99 -9.79
CA ALA A 381 12.65 19.89 -8.39
C ALA A 381 13.75 20.36 -7.45
N GLU A 382 15.01 20.32 -7.89
CA GLU A 382 16.14 20.70 -7.06
C GLU A 382 16.47 22.18 -7.13
N LEU A 383 15.81 22.94 -8.01
CA LEU A 383 16.08 24.37 -8.13
C LEU A 383 15.34 25.15 -7.04
N ASP A 384 15.89 26.30 -6.69
CA ASP A 384 15.32 27.15 -5.66
C ASP A 384 14.57 28.30 -6.30
N GLY A 385 13.33 28.49 -5.89
CA GLY A 385 12.53 29.63 -6.35
C GLY A 385 12.32 29.73 -7.85
N ALA A 386 12.14 28.60 -8.52
CA ALA A 386 11.94 28.62 -9.97
C ALA A 386 10.48 28.70 -10.39
N TRP A 387 9.53 28.54 -9.47
CA TRP A 387 8.11 28.69 -9.79
C TRP A 387 7.78 30.17 -10.04
N LYS A 388 7.07 30.44 -11.13
CA LYS A 388 6.55 31.80 -11.34
C LYS A 388 5.58 32.17 -10.23
N GLU A 389 4.54 31.38 -10.03
CA GLU A 389 3.64 31.56 -8.91
C GLU A 389 3.91 30.46 -7.90
N PRO A 390 4.62 30.73 -6.81
CA PRO A 390 4.87 29.69 -5.81
C PRO A 390 3.58 29.28 -5.12
N PHE A 391 3.69 28.25 -4.29
CA PHE A 391 2.49 27.76 -3.60
C PHE A 391 1.90 28.87 -2.74
N ASP A 392 0.58 29.00 -2.83
CA ASP A 392 -0.17 30.06 -2.13
C ASP A 392 -1.28 29.38 -1.35
N ALA A 393 -1.25 29.51 -0.02
CA ALA A 393 -2.18 28.76 0.81
C ALA A 393 -3.63 29.15 0.55
N GLN A 394 -3.86 30.37 0.06
CA GLN A 394 -5.20 30.81 -0.29
C GLN A 394 -5.57 30.47 -1.73
N ARG A 395 -4.65 29.88 -2.50
CA ARG A 395 -4.96 29.29 -3.81
C ARG A 395 -4.40 27.87 -3.87
N PRO A 396 -4.77 27.01 -2.92
CA PRO A 396 -4.07 25.73 -2.78
C PRO A 396 -4.38 24.72 -3.88
N LEU A 397 -5.35 24.98 -4.75
CA LEU A 397 -5.60 24.10 -5.89
C LEU A 397 -4.94 24.56 -7.18
N ASP A 398 -4.48 25.81 -7.25
CA ASP A 398 -3.98 26.38 -8.50
C ASP A 398 -2.52 26.79 -8.44
N THR A 399 -1.85 26.60 -7.31
CA THR A 399 -0.43 26.91 -7.21
C THR A 399 0.30 25.72 -6.61
N PRO A 400 1.59 25.55 -6.94
CA PRO A 400 2.43 26.38 -7.80
C PRO A 400 2.13 26.24 -9.30
N GLN A 401 2.57 27.23 -10.07
CA GLN A 401 2.27 27.29 -11.50
C GLN A 401 3.37 28.06 -12.20
N GLY A 402 3.85 27.52 -13.31
CA GLY A 402 4.69 28.28 -14.21
C GLY A 402 6.13 28.39 -13.75
N ILE A 403 7.00 28.78 -14.70
CA ILE A 403 8.43 28.96 -14.46
C ILE A 403 8.74 30.45 -14.46
N ALA A 404 9.57 30.89 -13.51
CA ALA A 404 9.92 32.30 -13.37
C ALA A 404 11.01 32.68 -14.38
N LEU A 405 10.63 32.64 -15.67
CA LEU A 405 11.59 32.90 -16.73
C LEU A 405 12.05 34.35 -16.78
N ASP A 406 11.27 35.27 -16.21
CA ASP A 406 11.63 36.69 -16.25
C ASP A 406 12.80 37.02 -15.32
N ARG A 407 13.18 36.11 -14.42
CA ARG A 407 14.35 36.30 -13.60
C ARG A 407 15.54 35.61 -14.25
N PRO A 408 16.55 36.36 -14.72
CA PRO A 408 17.61 35.75 -15.54
C PRO A 408 18.36 34.62 -14.85
N GLN A 409 18.39 34.58 -13.52
CA GLN A 409 19.05 33.48 -12.81
C GLN A 409 18.22 32.19 -12.94
N VAL A 410 16.90 32.28 -12.76
CA VAL A 410 16.04 31.12 -12.97
C VAL A 410 16.12 30.66 -14.42
N ALA A 411 16.07 31.60 -15.37
CA ALA A 411 16.16 31.23 -16.78
C ALA A 411 17.44 30.47 -17.07
N THR A 412 18.55 30.89 -16.45
CA THR A 412 19.83 30.21 -16.68
C THR A 412 19.80 28.79 -16.13
N GLN A 413 19.33 28.62 -14.90
CA GLN A 413 19.32 27.30 -14.30
C GLN A 413 18.33 26.37 -14.99
N VAL A 414 17.17 26.89 -15.41
CA VAL A 414 16.18 26.05 -16.07
C VAL A 414 16.70 25.56 -17.42
N ARG A 415 17.37 26.45 -18.17
CA ARG A 415 17.92 26.04 -19.46
C ARG A 415 19.04 25.04 -19.27
N GLN A 416 19.86 25.21 -18.23
CA GLN A 416 20.89 24.23 -17.92
C GLN A 416 20.27 22.90 -17.54
N ALA A 417 19.23 22.94 -16.70
CA ALA A 417 18.53 21.71 -16.32
C ALA A 417 18.01 20.97 -17.55
N LEU A 418 17.47 21.70 -18.52
CA LEU A 418 16.98 21.05 -19.73
C LEU A 418 18.13 20.49 -20.55
N ALA A 419 19.26 21.21 -20.61
CA ALA A 419 20.43 20.68 -21.31
C ALA A 419 20.96 19.43 -20.64
N ASP A 420 21.05 19.45 -19.30
CA ASP A 420 21.51 18.26 -18.58
C ASP A 420 20.56 17.09 -18.79
N ALA A 421 19.25 17.36 -18.71
CA ALA A 421 18.26 16.31 -18.96
C ALA A 421 18.37 15.76 -20.38
N ALA A 422 18.52 16.64 -21.37
CA ALA A 422 18.68 16.16 -22.74
C ALA A 422 19.92 15.28 -22.88
N ALA A 423 21.03 15.69 -22.27
CA ALA A 423 22.25 14.89 -22.33
C ALA A 423 22.04 13.51 -21.71
N GLU A 424 21.34 13.44 -20.58
CA GLU A 424 21.10 12.14 -19.96
C GLU A 424 20.22 11.26 -20.85
N VAL A 425 19.16 11.83 -21.42
CA VAL A 425 18.27 11.05 -22.27
C VAL A 425 19.04 10.48 -23.46
N GLU A 426 19.86 11.31 -24.10
CA GLU A 426 20.58 10.87 -25.28
C GLU A 426 21.76 9.98 -24.94
N LYS A 427 22.33 10.14 -23.75
CA LYS A 427 23.40 9.25 -23.32
C LYS A 427 22.88 7.82 -23.20
N SER A 428 21.68 7.66 -22.67
CA SER A 428 21.09 6.35 -22.47
C SER A 428 20.61 5.79 -23.81
N GLY A 429 20.65 4.46 -23.91
CA GLY A 429 20.26 3.79 -25.13
C GLY A 429 18.76 3.67 -25.33
N ILE A 430 18.21 4.55 -26.15
CA ILE A 430 16.81 4.44 -26.56
C ILE A 430 16.69 4.76 -28.04
N PRO A 431 16.14 3.84 -28.86
CA PRO A 431 16.00 4.07 -30.30
C PRO A 431 15.42 5.42 -30.70
N ASP A 432 15.61 5.79 -31.96
CA ASP A 432 14.92 6.94 -32.50
C ASP A 432 13.45 6.62 -32.71
N GLY A 433 12.58 7.56 -32.31
CA GLY A 433 11.17 7.34 -32.45
C GLY A 433 10.59 6.27 -31.54
N ALA A 434 11.35 5.82 -30.54
CA ALA A 434 10.81 4.89 -29.55
C ALA A 434 9.68 5.54 -28.78
N ARG A 435 8.69 4.74 -28.40
CA ARG A 435 7.54 5.25 -27.69
C ARG A 435 7.53 4.72 -26.25
N TRP A 436 6.73 5.38 -25.41
CA TRP A 436 6.72 5.03 -24.00
C TRP A 436 6.39 3.55 -23.80
N GLY A 437 5.44 3.02 -24.57
CA GLY A 437 5.13 1.60 -24.48
C GLY A 437 6.26 0.68 -24.90
N ASP A 438 7.17 1.16 -25.76
CA ASP A 438 8.36 0.38 -26.10
C ASP A 438 9.34 0.30 -24.93
N LEU A 439 9.27 1.23 -23.98
CA LEU A 439 10.24 1.27 -22.89
C LEU A 439 9.75 0.58 -21.62
N GLN A 440 8.51 0.87 -21.22
CA GLN A 440 7.97 0.41 -19.94
C GLN A 440 7.10 -0.81 -20.15
N VAL A 441 7.50 -1.93 -19.53
CA VAL A 441 6.90 -3.24 -19.78
C VAL A 441 6.80 -4.01 -18.48
N SER A 442 6.00 -5.08 -18.52
CA SER A 442 5.97 -6.07 -17.47
C SER A 442 6.35 -7.42 -18.07
N THR A 443 7.40 -8.03 -17.54
CA THR A 443 7.89 -9.28 -18.08
C THR A 443 6.98 -10.43 -17.65
N ARG A 444 6.67 -11.31 -18.59
CA ARG A 444 5.84 -12.49 -18.34
C ARG A 444 6.55 -13.66 -19.02
N GLY A 445 7.26 -14.45 -18.24
CA GLY A 445 8.07 -15.52 -18.82
C GLY A 445 9.16 -14.92 -19.67
N GLN A 446 9.25 -15.36 -20.92
CA GLN A 446 10.24 -14.81 -21.84
C GLN A 446 9.71 -13.63 -22.63
N GLU A 447 8.47 -13.22 -22.42
CA GLU A 447 7.95 -12.13 -23.22
C GLU A 447 7.60 -10.94 -22.32
N ARG A 448 7.34 -9.82 -22.96
CA ARG A 448 7.04 -8.55 -22.32
C ARG A 448 5.67 -8.08 -22.78
N ILE A 449 5.03 -7.28 -21.94
CA ILE A 449 3.77 -6.64 -22.27
C ILE A 449 3.93 -5.15 -21.97
N ALA A 450 3.60 -4.31 -22.95
CA ALA A 450 3.74 -2.87 -22.78
C ALA A 450 2.69 -2.36 -21.79
N ILE A 451 3.12 -1.51 -20.85
CA ILE A 451 2.28 -1.06 -19.75
C ILE A 451 2.14 0.46 -19.80
N PRO A 452 0.93 0.99 -19.91
CA PRO A 452 0.74 2.44 -19.88
C PRO A 452 0.68 2.97 -18.45
N GLY A 453 0.82 4.28 -18.33
CA GLY A 453 0.87 4.95 -17.05
C GLY A 453 2.29 5.37 -16.72
N GLY A 454 2.38 6.19 -15.67
CA GLY A 454 3.65 6.81 -15.32
C GLY A 454 3.69 7.11 -13.84
N ASP A 455 4.84 7.56 -13.36
CA ASP A 455 5.00 7.77 -11.93
C ASP A 455 3.99 8.79 -11.40
N GLY A 456 3.42 8.49 -10.23
CA GLY A 456 2.43 9.37 -9.65
C GLY A 456 2.96 10.72 -9.24
N HIS A 457 4.27 10.85 -8.98
CA HIS A 457 4.86 12.13 -8.66
C HIS A 457 4.88 13.09 -9.84
N PHE A 458 4.61 12.61 -11.06
CA PHE A 458 4.42 13.47 -12.21
C PHE A 458 2.96 13.80 -12.45
N GLY A 459 2.07 13.44 -11.51
CA GLY A 459 0.66 13.69 -11.69
C GLY A 459 -0.08 12.76 -12.63
N VAL A 460 0.42 11.55 -12.87
CA VAL A 460 -0.34 10.58 -13.64
C VAL A 460 -1.25 9.82 -12.68
N TYR A 461 -2.56 9.97 -12.88
CA TYR A 461 -3.51 9.32 -11.98
C TYR A 461 -3.31 7.81 -12.03
N ASN A 462 -3.13 7.26 -13.24
CA ASN A 462 -2.74 5.86 -13.41
C ASN A 462 -1.27 5.73 -13.08
N ALA A 463 -0.97 5.71 -11.78
CA ALA A 463 0.41 5.72 -11.33
C ALA A 463 1.05 4.36 -11.56
N ILE A 464 2.19 4.36 -12.23
CA ILE A 464 2.96 3.15 -12.48
C ILE A 464 4.40 3.46 -12.14
N GLN A 465 5.03 2.63 -11.34
CA GLN A 465 6.42 2.82 -10.98
C GLN A 465 7.23 1.70 -11.62
N SER A 466 8.36 2.06 -12.23
CA SER A 466 9.19 1.07 -12.92
CA SER A 466 9.18 1.08 -12.93
C SER A 466 10.66 1.35 -12.64
N VAL A 467 11.49 0.33 -12.85
CA VAL A 467 12.92 0.43 -12.65
C VAL A 467 13.64 -0.08 -13.90
N ARG A 468 14.84 0.43 -14.13
CA ARG A 468 15.62 -0.05 -15.26
C ARG A 468 16.08 -1.47 -15.00
N LYS A 469 15.86 -2.35 -15.98
CA LYS A 469 16.35 -3.72 -15.95
C LYS A 469 16.75 -4.08 -17.37
N GLY A 470 18.05 -4.23 -17.60
CA GLY A 470 18.52 -4.46 -18.96
C GLY A 470 18.18 -3.28 -19.85
N ASP A 471 17.44 -3.56 -20.92
CA ASP A 471 17.14 -2.56 -21.95
C ASP A 471 15.79 -1.87 -21.77
N HIS A 472 15.07 -2.15 -20.68
CA HIS A 472 13.68 -1.71 -20.55
C HIS A 472 13.42 -1.17 -19.14
N LEU A 473 12.22 -0.66 -18.95
CA LEU A 473 11.71 -0.25 -17.64
C LEU A 473 10.71 -1.30 -17.18
N GLU A 474 11.04 -2.01 -16.11
CA GLU A 474 10.20 -3.10 -15.59
C GLU A 474 9.27 -2.55 -14.51
N VAL A 475 7.97 -2.74 -14.70
CA VAL A 475 6.98 -2.26 -13.74
C VAL A 475 7.14 -3.02 -12.41
N VAL A 476 7.25 -2.29 -11.31
CA VAL A 476 7.28 -2.93 -10.00
C VAL A 476 6.04 -2.62 -9.16
N GLY A 477 5.28 -1.58 -9.46
CA GLY A 477 4.13 -1.27 -8.65
C GLY A 477 3.29 -0.16 -9.23
N GLY A 478 2.11 0.02 -8.64
CA GLY A 478 1.22 1.06 -9.11
C GLY A 478 -0.19 0.54 -9.20
N THR A 479 -0.97 1.09 -10.13
CA THR A 479 -2.31 0.59 -10.43
C THR A 479 -2.34 -0.93 -10.41
N SER A 480 -3.30 -1.47 -9.69
CA SER A 480 -3.28 -2.87 -9.31
C SER A 480 -4.69 -3.40 -9.46
N TYR A 481 -5.45 -3.44 -8.37
CA TYR A 481 -6.87 -3.78 -8.44
C TYR A 481 -7.65 -2.50 -8.76
N ILE A 482 -8.40 -2.52 -9.86
CA ILE A 482 -9.24 -1.40 -10.26
C ILE A 482 -10.68 -1.83 -10.06
N GLN A 483 -11.48 -0.97 -9.43
CA GLN A 483 -12.88 -1.25 -9.18
C GLN A 483 -13.67 0.04 -9.31
N LEU A 484 -14.65 0.03 -10.21
CA LEU A 484 -15.57 1.14 -10.42
C LEU A 484 -16.97 0.58 -10.23
N VAL A 485 -17.66 1.05 -9.19
CA VAL A 485 -18.94 0.46 -8.77
C VAL A 485 -20.02 1.52 -8.88
N THR A 486 -21.13 1.17 -9.53
CA THR A 486 -22.37 1.94 -9.50
C THR A 486 -23.48 1.04 -8.99
N PHE A 487 -24.66 1.61 -8.76
CA PHE A 487 -25.76 0.87 -8.15
C PHE A 487 -27.04 1.01 -8.95
N PRO A 488 -27.12 0.38 -10.13
CA PRO A 488 -28.38 0.38 -10.87
C PRO A 488 -29.43 -0.53 -10.22
N GLU A 489 -30.64 -0.54 -10.78
CA GLU A 489 -31.79 -1.17 -10.11
C GLU A 489 -31.52 -2.64 -9.76
N GLU A 490 -30.95 -3.40 -10.69
CA GLU A 490 -30.87 -4.85 -10.54
C GLU A 490 -29.80 -5.29 -9.53
N GLY A 491 -28.80 -4.47 -9.26
CA GLY A 491 -27.74 -4.84 -8.35
C GLY A 491 -26.49 -4.03 -8.64
N PRO A 492 -25.47 -4.17 -7.80
CA PRO A 492 -24.24 -3.41 -8.03
C PRO A 492 -23.61 -3.79 -9.36
N LYS A 493 -23.26 -2.78 -10.14
CA LYS A 493 -22.50 -2.97 -11.39
C LYS A 493 -21.06 -2.56 -11.12
N ALA A 494 -20.17 -3.55 -11.11
CA ALA A 494 -18.75 -3.32 -10.82
C ALA A 494 -17.93 -3.61 -12.07
N ARG A 495 -16.98 -2.73 -12.36
CA ARG A 495 -16.17 -2.79 -13.55
C ARG A 495 -14.72 -2.58 -13.16
N GLY A 496 -13.81 -3.35 -13.75
CA GLY A 496 -12.39 -3.10 -13.54
C GLY A 496 -11.49 -4.22 -14.03
N LEU A 497 -10.38 -4.40 -13.33
CA LEU A 497 -9.33 -5.34 -13.70
C LEU A 497 -8.43 -5.56 -12.50
N LEU A 498 -7.68 -6.64 -12.55
CA LEU A 498 -6.50 -6.82 -11.71
C LEU A 498 -5.33 -6.72 -12.69
N ALA A 499 -4.63 -5.58 -12.66
CA ALA A 499 -3.69 -5.22 -13.71
C ALA A 499 -2.64 -6.31 -13.96
N PHE A 500 -2.14 -6.95 -12.90
CA PHE A 500 -1.09 -7.94 -13.04
C PHE A 500 -1.61 -9.38 -13.12
N SER A 501 -2.94 -9.57 -13.17
CA SER A 501 -3.62 -10.87 -13.28
C SER A 501 -3.61 -11.66 -11.98
N GLN A 502 -4.47 -12.67 -11.91
CA GLN A 502 -4.73 -13.37 -10.64
C GLN A 502 -3.50 -14.13 -10.14
N SER A 503 -2.73 -14.71 -11.03
CA SER A 503 -1.69 -15.65 -10.62
C SER A 503 -0.31 -15.08 -10.87
N SER A 504 0.57 -15.26 -9.89
CA SER A 504 1.99 -14.93 -10.01
C SER A 504 2.81 -16.08 -10.58
N ASP A 505 2.17 -17.21 -10.91
CA ASP A 505 2.90 -18.37 -11.35
C ASP A 505 2.86 -18.46 -12.87
N PRO A 506 4.02 -18.47 -13.55
CA PRO A 506 4.03 -18.49 -15.02
C PRO A 506 3.29 -19.66 -15.63
N ARG A 507 3.11 -20.75 -14.89
CA ARG A 507 2.38 -21.90 -15.43
C ARG A 507 0.87 -21.71 -15.46
N SER A 508 0.34 -20.66 -14.81
CA SER A 508 -1.10 -20.56 -14.68
C SER A 508 -1.73 -19.92 -15.93
N PRO A 509 -2.95 -20.36 -16.29
CA PRO A 509 -3.71 -19.66 -17.34
C PRO A 509 -4.04 -18.23 -17.00
N HIS A 510 -3.84 -17.82 -15.76
CA HIS A 510 -4.25 -16.50 -15.31
C HIS A 510 -3.05 -15.68 -14.87
N TYR A 511 -1.92 -15.92 -15.56
CA TYR A 511 -0.65 -15.26 -15.31
C TYR A 511 -0.54 -13.93 -16.04
N ARG A 512 -1.19 -13.80 -17.20
CA ARG A 512 -1.06 -12.57 -17.96
C ARG A 512 -2.34 -12.20 -18.70
N ASP A 513 -3.48 -12.85 -18.43
CA ASP A 513 -4.66 -12.60 -19.24
C ASP A 513 -5.27 -11.23 -18.96
N GLN A 514 -5.30 -10.79 -17.70
CA GLN A 514 -5.74 -9.42 -17.44
C GLN A 514 -4.66 -8.38 -17.73
N THR A 515 -3.40 -8.79 -17.73
CA THR A 515 -2.33 -7.84 -18.05
C THR A 515 -2.37 -7.45 -19.52
N GLU A 516 -2.73 -8.38 -20.41
CA GLU A 516 -2.99 -8.02 -21.79
C GLU A 516 -4.11 -6.99 -21.88
N LEU A 517 -5.18 -7.18 -21.09
CA LEU A 517 -6.30 -6.24 -21.11
C LEU A 517 -5.90 -4.90 -20.49
N PHE A 518 -5.03 -4.93 -19.47
CA PHE A 518 -4.59 -3.68 -18.87
C PHE A 518 -3.76 -2.87 -19.86
N SER A 519 -2.90 -3.55 -20.62
CA SER A 519 -2.11 -2.91 -21.67
C SER A 519 -3.00 -2.15 -22.64
N ARG A 520 -4.11 -2.76 -23.04
CA ARG A 520 -5.06 -2.12 -23.96
C ARG A 520 -6.07 -1.24 -23.24
N GLN A 521 -6.06 -1.23 -21.91
CA GLN A 521 -6.95 -0.42 -21.09
C GLN A 521 -8.42 -0.79 -21.31
N GLN A 522 -8.69 -2.10 -21.31
CA GLN A 522 -10.03 -2.64 -21.55
C GLN A 522 -10.54 -3.30 -20.27
N TRP A 523 -11.23 -2.51 -19.44
CA TRP A 523 -11.78 -3.00 -18.18
C TRP A 523 -12.97 -3.94 -18.45
N GLN A 524 -13.28 -4.76 -17.45
CA GLN A 524 -14.21 -5.87 -17.62
C GLN A 524 -15.24 -5.88 -16.49
N THR A 525 -16.32 -6.63 -16.73
CA THR A 525 -17.32 -6.81 -15.69
C THR A 525 -16.73 -7.62 -14.54
N LEU A 526 -17.01 -7.18 -13.31
CA LEU A 526 -16.73 -7.98 -12.13
C LEU A 526 -18.05 -8.65 -11.71
N PRO A 527 -18.28 -9.91 -12.08
CA PRO A 527 -19.61 -10.50 -11.88
C PRO A 527 -19.88 -10.80 -10.41
N PHE A 528 -21.02 -10.34 -9.91
CA PHE A 528 -21.37 -10.44 -8.50
C PHE A 528 -22.66 -11.22 -8.25
N SER A 529 -23.72 -10.95 -9.02
CA SER A 529 -24.97 -11.67 -8.83
C SER A 529 -24.87 -13.09 -9.36
N ASP A 530 -25.74 -13.96 -8.86
CA ASP A 530 -25.78 -15.33 -9.38
C ASP A 530 -26.09 -15.32 -10.86
N ARG A 531 -26.90 -14.37 -11.31
CA ARG A 531 -27.23 -14.26 -12.72
C ARG A 531 -25.98 -13.89 -13.53
N GLN A 532 -25.22 -12.89 -13.07
CA GLN A 532 -23.97 -12.51 -13.74
C GLN A 532 -22.99 -13.67 -13.78
N ILE A 533 -22.78 -14.31 -12.62
CA ILE A 533 -21.87 -15.44 -12.54
C ILE A 533 -22.34 -16.58 -13.45
N ASP A 534 -23.65 -16.84 -13.48
CA ASP A 534 -24.19 -17.90 -14.31
C ASP A 534 -24.02 -17.61 -15.80
N ALA A 535 -24.08 -16.33 -16.20
CA ALA A 535 -23.96 -15.97 -17.61
C ALA A 535 -22.55 -16.13 -18.18
N ASP A 536 -21.55 -16.46 -17.35
CA ASP A 536 -20.16 -16.49 -17.81
C ASP A 536 -19.85 -17.80 -18.52
N PRO A 537 -19.54 -17.78 -19.83
CA PRO A 537 -19.25 -19.04 -20.54
C PRO A 537 -18.03 -19.76 -20.00
N GLN A 538 -17.16 -19.07 -19.27
CA GLN A 538 -15.98 -19.71 -18.69
C GLN A 538 -16.25 -20.36 -17.35
N LEU A 539 -17.49 -20.32 -16.87
CA LEU A 539 -17.81 -20.76 -15.53
C LEU A 539 -17.33 -22.18 -15.28
N GLN A 540 -16.62 -22.36 -14.17
CA GLN A 540 -16.27 -23.67 -13.68
C GLN A 540 -16.62 -23.78 -12.20
N ARG A 541 -16.91 -24.99 -11.76
CA ARG A 541 -17.40 -25.18 -10.40
C ARG A 541 -16.70 -26.39 -9.79
N LEU A 542 -16.37 -26.27 -8.51
CA LEU A 542 -15.75 -27.35 -7.75
C LEU A 542 -16.27 -27.27 -6.31
N SER A 543 -16.73 -28.40 -5.78
CA SER A 543 -17.04 -28.49 -4.35
C SER A 543 -15.99 -29.38 -3.68
N ILE A 544 -15.52 -28.96 -2.51
CA ILE A 544 -14.47 -29.67 -1.79
C ILE A 544 -14.89 -29.81 -0.33
N ARG A 545 -14.39 -30.86 0.31
CA ARG A 545 -14.64 -31.03 1.73
C ARG A 545 -13.58 -31.97 2.29
N GLU A 546 -13.43 -31.94 3.61
CA GLU A 546 -12.58 -32.87 4.34
C GLU A 546 -12.93 -32.78 5.82
N GLY A 547 -12.66 -33.86 6.55
CA GLY A 547 -12.70 -33.77 8.00
C GLY A 547 -13.76 -34.55 8.76
N SER A 548 -14.05 -34.06 9.97
CA SER A 548 -14.66 -34.79 11.07
C SER A 548 -15.83 -35.68 10.68
N SER A 549 -15.69 -36.98 11.01
CA SER A 549 -16.74 -37.99 11.23
C SER A 549 -16.96 -39.00 10.06
N ASP A 550 -17.47 -38.64 8.87
CA ASP A 550 -18.03 -37.35 8.51
C ASP A 550 -19.54 -37.37 8.70
N MET A 551 -20.08 -38.52 9.07
CA MET A 551 -21.53 -38.78 9.09
C MET A 551 -22.02 -39.24 10.48
N PRO A 552 -23.30 -39.70 10.63
CA PRO A 552 -24.49 -39.86 9.79
C PRO A 552 -25.16 -38.54 9.45
N ARG A 553 -24.34 -37.55 9.04
CA ARG A 553 -24.78 -36.17 8.89
C ARG A 553 -23.61 -35.23 8.60
N PRO A 554 -23.85 -34.02 8.07
CA PRO A 554 -22.75 -33.21 7.56
C PRO A 554 -21.91 -32.63 8.68
N THR A 555 -20.61 -32.93 8.65
CA THR A 555 -19.64 -32.34 9.56
C THR A 555 -18.39 -31.95 8.77
N GLY A 556 -17.61 -31.03 9.35
CA GLY A 556 -16.28 -30.74 8.86
C GLY A 556 -16.20 -29.46 8.05
N LEU A 557 -15.16 -29.39 7.22
CA LEU A 557 -14.92 -28.25 6.35
C LEU A 557 -15.52 -28.54 4.98
N ALA A 558 -16.18 -27.56 4.39
CA ALA A 558 -16.76 -27.72 3.07
C ALA A 558 -16.94 -26.37 2.40
N ALA A 559 -16.67 -26.31 1.10
CA ALA A 559 -16.85 -25.09 0.34
C ALA A 559 -17.30 -25.43 -1.07
N ASP A 560 -18.08 -24.52 -1.64
CA ASP A 560 -18.43 -24.55 -3.04
C ASP A 560 -17.72 -23.39 -3.73
N ILE A 561 -16.95 -23.68 -4.78
CA ILE A 561 -16.18 -22.68 -5.50
C ILE A 561 -16.61 -22.63 -6.96
N ARG A 562 -16.94 -21.43 -7.43
CA ARG A 562 -17.14 -21.17 -8.84
C ARG A 562 -16.07 -20.18 -9.28
N TRP A 563 -15.49 -20.42 -10.45
CA TRP A 563 -14.55 -19.47 -11.07
C TRP A 563 -15.21 -18.87 -12.29
N THR A 564 -15.14 -17.56 -12.42
CA THR A 564 -15.55 -16.88 -13.63
C THR A 564 -14.30 -16.56 -14.46
N ALA A 565 -14.47 -15.79 -15.53
CA ALA A 565 -13.34 -15.47 -16.40
C ALA A 565 -12.19 -14.88 -15.61
N TYR A 566 -10.97 -15.18 -16.05
CA TYR A 566 -9.71 -14.68 -15.50
C TYR A 566 -9.37 -15.34 -14.17
N GLY A 567 -10.07 -16.42 -13.80
CA GLY A 567 -9.72 -17.18 -12.62
C GLY A 567 -10.17 -16.54 -11.33
N VAL A 568 -11.24 -15.76 -11.36
CA VAL A 568 -11.79 -15.10 -10.18
C VAL A 568 -12.68 -16.10 -9.43
N PRO A 569 -12.32 -16.49 -8.21
CA PRO A 569 -13.14 -17.46 -7.46
C PRO A 569 -14.29 -16.80 -6.71
N HIS A 570 -15.40 -17.52 -6.64
CA HIS A 570 -16.59 -17.16 -5.87
C HIS A 570 -16.84 -18.30 -4.89
N ILE A 571 -16.58 -18.05 -3.61
CA ILE A 571 -16.55 -19.08 -2.58
C ILE A 571 -17.84 -18.96 -1.78
N ARG A 572 -18.59 -20.06 -1.71
CA ARG A 572 -19.82 -20.14 -0.90
C ARG A 572 -19.65 -21.19 0.19
N ALA A 573 -20.02 -20.85 1.41
CA ALA A 573 -19.95 -21.79 2.52
C ALA A 573 -21.01 -21.43 3.54
N LYS A 574 -21.26 -22.34 4.47
CA LYS A 574 -22.25 -22.11 5.51
C LYS A 574 -21.64 -21.52 6.76
N ASP A 575 -20.31 -21.50 6.87
CA ASP A 575 -19.67 -20.94 8.06
C ASP A 575 -18.27 -20.45 7.68
N GLU A 576 -17.61 -19.80 8.65
CA GLU A 576 -16.30 -19.19 8.39
C GLU A 576 -15.24 -20.24 8.08
N ARG A 577 -15.29 -21.39 8.76
CA ARG A 577 -14.32 -22.43 8.51
C ARG A 577 -14.40 -22.95 7.08
N GLY A 578 -15.62 -23.22 6.60
CA GLY A 578 -15.77 -23.61 5.21
C GLY A 578 -15.38 -22.51 4.24
N LEU A 579 -15.70 -21.26 4.59
CA LEU A 579 -15.33 -20.14 3.73
C LEU A 579 -13.82 -20.04 3.60
N GLY A 580 -13.12 -20.07 4.74
CA GLY A 580 -11.66 -20.06 4.71
C GLY A 580 -11.09 -21.23 3.94
N TYR A 581 -11.71 -22.40 4.06
CA TYR A 581 -11.29 -23.57 3.30
C TYR A 581 -11.31 -23.29 1.79
N GLY A 582 -12.39 -22.71 1.30
CA GLY A 582 -12.46 -22.38 -0.12
C GLY A 582 -11.48 -21.30 -0.54
N ILE A 583 -11.29 -20.28 0.30
CA ILE A 583 -10.33 -19.21 -0.01
C ILE A 583 -8.91 -19.78 -0.11
N GLY A 584 -8.50 -20.54 0.90
CA GLY A 584 -7.15 -21.09 0.90
C GLY A 584 -6.87 -21.99 -0.28
N TYR A 585 -7.82 -22.85 -0.61
CA TYR A 585 -7.66 -23.72 -1.78
C TYR A 585 -7.55 -22.90 -3.05
N ALA A 586 -8.50 -21.98 -3.26
CA ALA A 586 -8.46 -21.18 -4.49
C ALA A 586 -7.19 -20.37 -4.57
N TYR A 587 -6.77 -19.76 -3.46
CA TYR A 587 -5.56 -18.92 -3.50
C TYR A 587 -4.33 -19.76 -3.81
N ALA A 588 -4.25 -20.96 -3.22
CA ALA A 588 -3.11 -21.83 -3.49
C ALA A 588 -3.04 -22.20 -4.96
N ARG A 589 -4.19 -22.46 -5.59
CA ARG A 589 -4.17 -22.84 -7.00
C ARG A 589 -3.44 -21.80 -7.83
N ASP A 590 -3.61 -20.51 -7.50
CA ASP A 590 -3.01 -19.42 -8.27
C ASP A 590 -1.66 -18.97 -7.71
N ASN A 591 -1.42 -19.13 -6.41
CA ASN A 591 -0.31 -18.39 -5.81
C ASN A 591 0.39 -19.15 -4.69
N ALA A 592 0.40 -20.48 -4.75
CA ALA A 592 1.02 -21.26 -3.68
C ALA A 592 2.49 -20.89 -3.48
N CYS A 593 3.24 -20.70 -4.56
CA CYS A 593 4.66 -20.40 -4.41
C CYS A 593 4.87 -19.02 -3.79
N LEU A 594 4.08 -18.03 -4.22
CA LEU A 594 4.16 -16.70 -3.61
CA LEU A 594 4.16 -16.71 -3.62
C LEU A 594 3.95 -16.79 -2.10
N LEU A 595 2.84 -17.42 -1.68
CA LEU A 595 2.56 -17.47 -0.25
C LEU A 595 3.64 -18.21 0.51
N ALA A 596 4.16 -19.29 -0.06
CA ALA A 596 5.21 -20.04 0.62
C ALA A 596 6.44 -19.18 0.81
N GLU A 597 6.81 -18.40 -0.22
CA GLU A 597 7.96 -17.52 -0.12
CA GLU A 597 7.96 -17.50 -0.13
C GLU A 597 7.76 -16.45 0.95
N GLU A 598 6.56 -15.84 0.99
CA GLU A 598 6.31 -14.77 1.94
C GLU A 598 6.18 -15.31 3.35
N ILE A 599 5.76 -16.56 3.51
CA ILE A 599 5.73 -17.16 4.83
C ILE A 599 7.16 -17.43 5.32
N VAL A 600 8.04 -17.88 4.42
CA VAL A 600 9.46 -18.01 4.80
C VAL A 600 9.99 -16.68 5.32
N THR A 601 9.70 -15.60 4.59
CA THR A 601 10.12 -14.27 5.03
C THR A 601 9.56 -13.95 6.42
N ALA A 602 8.26 -14.16 6.62
CA ALA A 602 7.63 -13.76 7.88
C ALA A 602 8.04 -14.67 9.04
N ARG A 603 8.55 -15.87 8.74
CA ARG A 603 9.10 -16.77 9.75
C ARG A 603 10.57 -16.46 10.06
N GLY A 604 11.20 -15.56 9.32
CA GLY A 604 12.61 -15.28 9.52
C GLY A 604 13.52 -16.41 9.06
N GLU A 605 13.17 -17.08 7.97
CA GLU A 605 13.90 -18.25 7.50
C GLU A 605 14.51 -18.08 6.11
N ARG A 606 14.59 -16.84 5.60
CA ARG A 606 15.15 -16.64 4.26
C ARG A 606 16.59 -17.13 4.18
N ALA A 607 17.42 -16.78 5.16
CA ALA A 607 18.83 -17.16 5.09
C ALA A 607 19.00 -18.67 5.20
N ARG A 608 18.07 -19.33 5.87
CA ARG A 608 18.13 -20.78 6.00
C ARG A 608 17.97 -21.47 4.64
N TYR A 609 17.03 -20.99 3.83
CA TYR A 609 16.75 -21.61 2.54
C TYR A 609 17.57 -21.03 1.40
N PHE A 610 17.93 -19.74 1.49
CA PHE A 610 18.48 -19.03 0.33
C PHE A 610 19.84 -18.38 0.56
N GLY A 611 20.39 -18.45 1.76
CA GLY A 611 21.70 -17.87 2.01
C GLY A 611 21.61 -16.37 2.27
N SER A 612 22.75 -15.81 2.63
CA SER A 612 22.79 -14.41 3.04
C SER A 612 22.92 -13.44 1.86
N GLU A 613 23.24 -13.92 0.66
CA GLU A 613 23.38 -12.97 -0.44
C GLU A 613 22.05 -12.57 -1.08
N GLY A 614 20.95 -13.27 -0.81
CA GLY A 614 19.69 -12.95 -1.43
C GLY A 614 18.93 -11.87 -0.69
N LYS A 615 17.80 -11.46 -1.27
CA LYS A 615 16.89 -10.47 -0.70
C LYS A 615 15.47 -11.02 -0.66
N SER A 616 14.65 -10.40 0.17
CA SER A 616 13.23 -10.67 0.18
C SER A 616 12.55 -9.89 -0.95
N SER A 617 11.24 -10.12 -1.11
CA SER A 617 10.49 -9.38 -2.11
C SER A 617 10.27 -7.92 -1.69
N ALA A 618 10.54 -7.58 -0.44
CA ALA A 618 10.57 -6.20 0.00
C ALA A 618 11.94 -5.58 -0.20
N GLU A 619 12.86 -6.33 -0.81
CA GLU A 619 14.23 -5.91 -1.14
C GLU A 619 15.08 -5.67 0.11
N LEU A 620 14.76 -6.32 1.22
CA LEU A 620 15.65 -6.39 2.39
C LEU A 620 16.61 -7.56 2.26
N ASP A 621 17.88 -7.36 2.64
CA ASP A 621 18.82 -8.49 2.71
C ASP A 621 18.23 -9.60 3.59
N ASN A 622 18.55 -10.84 3.23
CA ASN A 622 17.92 -11.99 3.86
C ASN A 622 18.18 -12.05 5.38
N LEU A 623 19.44 -11.87 5.79
CA LEU A 623 19.73 -12.01 7.22
C LEU A 623 19.16 -10.87 8.04
N PRO A 624 19.31 -9.59 7.67
CA PRO A 624 18.57 -8.54 8.39
C PRO A 624 17.07 -8.76 8.39
N SER A 625 16.49 -9.15 7.26
CA SER A 625 15.07 -9.46 7.21
C SER A 625 14.72 -10.52 8.25
N ASP A 626 15.49 -11.62 8.28
CA ASP A 626 15.21 -12.70 9.23
C ASP A 626 15.29 -12.22 10.68
N ILE A 627 16.32 -11.44 11.01
CA ILE A 627 16.42 -10.89 12.36
C ILE A 627 15.17 -10.11 12.70
N PHE A 628 14.73 -9.24 11.79
CA PHE A 628 13.56 -8.42 12.08
C PHE A 628 12.31 -9.28 12.30
N TYR A 629 12.06 -10.25 11.39
CA TYR A 629 10.83 -11.02 11.52
C TYR A 629 10.93 -12.04 12.64
N ALA A 630 12.14 -12.54 12.96
CA ALA A 630 12.26 -13.36 14.15
C ALA A 630 11.96 -12.55 15.41
N TRP A 631 12.36 -11.28 15.42
CA TRP A 631 12.02 -10.43 16.55
C TRP A 631 10.53 -10.11 16.56
N LEU A 632 9.98 -9.77 15.40
CA LEU A 632 8.58 -9.37 15.34
C LEU A 632 7.66 -10.53 15.72
N ASN A 633 7.94 -11.73 15.21
CA ASN A 633 7.02 -12.86 15.27
C ASN A 633 7.47 -13.92 16.27
N GLN A 634 7.97 -13.48 17.42
CA GLN A 634 8.30 -14.38 18.52
C GLN A 634 7.05 -15.15 18.98
N PRO A 635 7.25 -16.34 19.57
CA PRO A 635 6.10 -17.16 19.98
C PRO A 635 5.13 -16.47 20.91
N GLU A 636 5.64 -15.69 21.87
CA GLU A 636 4.76 -15.01 22.81
C GLU A 636 3.85 -14.01 22.11
N ALA A 637 4.38 -13.31 21.10
CA ALA A 637 3.59 -12.35 20.35
C ALA A 637 2.50 -13.04 19.53
N LEU A 638 2.86 -14.13 18.84
CA LEU A 638 1.87 -14.88 18.10
C LEU A 638 0.78 -15.44 19.02
N GLN A 639 1.16 -15.97 20.18
CA GLN A 639 0.16 -16.55 21.07
C GLN A 639 -0.80 -15.49 21.59
N ALA A 640 -0.26 -14.33 22.00
CA ALA A 640 -1.13 -13.25 22.46
C ALA A 640 -2.04 -12.77 21.34
N PHE A 641 -1.53 -12.69 20.12
CA PHE A 641 -2.36 -12.28 19.01
C PHE A 641 -3.48 -13.29 18.78
N TRP A 642 -3.14 -14.58 18.78
CA TRP A 642 -4.15 -15.62 18.60
C TRP A 642 -5.21 -15.57 19.69
N GLN A 643 -4.77 -15.45 20.94
CA GLN A 643 -5.71 -15.44 22.06
C GLN A 643 -6.69 -14.27 21.98
N ALA A 644 -6.31 -13.20 21.29
CA ALA A 644 -7.21 -12.05 21.15
C ALA A 644 -8.16 -12.15 19.96
N GLN A 645 -8.09 -13.21 19.15
CA GLN A 645 -8.96 -13.28 17.97
C GLN A 645 -10.33 -13.82 18.34
N THR A 646 -11.36 -13.30 17.66
CA THR A 646 -12.70 -13.82 17.87
C THR A 646 -12.82 -15.23 17.32
N PRO A 647 -13.82 -15.98 17.78
CA PRO A 647 -14.10 -17.29 17.18
C PRO A 647 -14.24 -17.27 15.66
N ALA A 648 -14.94 -16.28 15.10
CA ALA A 648 -15.13 -16.23 13.65
C ALA A 648 -13.80 -16.07 12.92
N VAL A 649 -12.91 -15.21 13.42
CA VAL A 649 -11.63 -15.03 12.74
C VAL A 649 -10.77 -16.27 12.88
N ARG A 650 -10.73 -16.87 14.08
CA ARG A 650 -9.99 -18.12 14.24
C ARG A 650 -10.45 -19.16 13.22
N GLN A 651 -11.76 -19.28 13.03
CA GLN A 651 -12.30 -20.26 12.10
C GLN A 651 -11.94 -19.94 10.64
N LEU A 652 -11.98 -18.67 10.26
CA LEU A 652 -11.54 -18.28 8.92
C LEU A 652 -10.10 -18.72 8.67
N LEU A 653 -9.22 -18.49 9.65
CA LEU A 653 -7.80 -18.81 9.50
C LEU A 653 -7.58 -20.32 9.51
N GLU A 654 -8.30 -21.04 10.37
CA GLU A 654 -8.19 -22.50 10.38
C GLU A 654 -8.60 -23.09 9.04
N GLY A 655 -9.72 -22.61 8.48
CA GLY A 655 -10.14 -23.09 7.18
C GLY A 655 -9.13 -22.76 6.10
N TYR A 656 -8.61 -21.53 6.10
CA TYR A 656 -7.65 -21.13 5.07
C TYR A 656 -6.44 -22.05 5.07
N ALA A 657 -5.84 -22.27 6.24
CA ALA A 657 -4.70 -23.18 6.32
C ALA A 657 -5.07 -24.57 5.80
N ALA A 658 -6.25 -25.08 6.17
CA ALA A 658 -6.61 -26.42 5.68
C ALA A 658 -6.83 -26.44 4.16
N GLY A 659 -7.40 -25.37 3.60
CA GLY A 659 -7.65 -25.37 2.17
C GLY A 659 -6.38 -25.19 1.36
N PHE A 660 -5.49 -24.32 1.82
CA PHE A 660 -4.18 -24.20 1.20
C PHE A 660 -3.47 -25.54 1.20
N ASN A 661 -3.47 -26.23 2.35
CA ASN A 661 -2.76 -27.50 2.46
C ASN A 661 -3.42 -28.58 1.60
N ARG A 662 -4.74 -28.55 1.49
CA ARG A 662 -5.43 -29.50 0.59
C ARG A 662 -4.91 -29.36 -0.83
N PHE A 663 -4.79 -28.12 -1.33
CA PHE A 663 -4.25 -27.96 -2.67
C PHE A 663 -2.84 -28.53 -2.80
N LEU A 664 -2.00 -28.27 -1.80
CA LEU A 664 -0.61 -28.75 -1.85
C LEU A 664 -0.54 -30.28 -1.91
N ARG A 665 -1.43 -30.96 -1.18
CA ARG A 665 -1.47 -32.42 -1.19
C ARG A 665 -1.78 -32.97 -2.58
N GLU A 666 -2.61 -32.28 -3.35
CA GLU A 666 -3.07 -32.77 -4.64
C GLU A 666 -2.28 -32.22 -5.82
N ALA A 667 -1.47 -31.18 -5.62
CA ALA A 667 -0.91 -30.48 -6.76
C ALA A 667 0.02 -31.39 -7.56
N ASP A 668 -0.06 -31.28 -8.89
CA ASP A 668 0.82 -32.04 -9.77
C ASP A 668 1.61 -31.13 -10.70
N GLY A 669 1.55 -29.82 -10.46
CA GLY A 669 2.38 -28.88 -11.19
C GLY A 669 1.67 -28.11 -12.27
N LYS A 670 0.37 -28.39 -12.52
CA LYS A 670 -0.36 -27.67 -13.57
C LYS A 670 -0.25 -26.17 -13.42
N THR A 671 -0.28 -25.66 -12.18
CA THR A 671 -0.27 -24.23 -11.92
C THR A 671 0.72 -23.83 -10.83
N THR A 672 1.71 -24.67 -10.54
CA THR A 672 2.61 -24.48 -9.40
C THR A 672 4.04 -24.80 -9.85
N SER A 673 4.88 -23.78 -9.88
CA SER A 673 6.23 -23.94 -10.43
C SER A 673 7.25 -24.42 -9.41
N CYS A 674 6.90 -24.50 -8.12
CA CYS A 674 7.87 -24.76 -7.07
C CYS A 674 7.64 -26.09 -6.36
N LEU A 675 6.85 -27.00 -6.93
CA LEU A 675 6.66 -28.29 -6.27
C LEU A 675 8.01 -28.97 -6.06
N GLY A 676 8.19 -29.60 -4.92
CA GLY A 676 9.44 -30.24 -4.61
C GLY A 676 10.44 -29.36 -3.86
N GLN A 677 10.27 -28.03 -3.88
CA GLN A 677 11.18 -27.17 -3.14
C GLN A 677 10.99 -27.36 -1.64
N PRO A 678 12.08 -27.37 -0.86
CA PRO A 678 11.95 -27.65 0.56
C PRO A 678 11.16 -26.58 1.32
N TRP A 679 11.04 -25.36 0.78
CA TRP A 679 10.29 -24.29 1.44
C TRP A 679 8.81 -24.29 1.07
N LEU A 680 8.39 -25.13 0.13
CA LEU A 680 6.96 -25.25 -0.18
C LEU A 680 6.40 -26.36 0.70
N ARG A 681 5.71 -25.98 1.77
CA ARG A 681 5.25 -26.97 2.74
C ARG A 681 3.90 -26.57 3.31
N ALA A 682 3.28 -27.52 4.01
CA ALA A 682 2.01 -27.28 4.68
C ALA A 682 2.13 -26.11 5.64
N ILE A 683 1.07 -25.31 5.72
CA ILE A 683 1.10 -24.11 6.54
C ILE A 683 0.21 -24.29 7.76
N ALA A 684 0.46 -23.46 8.76
CA ALA A 684 -0.31 -23.47 10.00
C ALA A 684 -0.97 -22.12 10.19
N THR A 685 -1.94 -22.05 11.10
CA THR A 685 -2.54 -20.75 11.36
C THR A 685 -1.52 -19.76 11.90
N ASP A 686 -0.50 -20.24 12.63
CA ASP A 686 0.56 -19.34 13.07
C ASP A 686 1.22 -18.65 11.87
N ASP A 687 1.36 -19.34 10.75
CA ASP A 687 1.98 -18.73 9.57
C ASP A 687 1.14 -17.57 9.05
N LEU A 688 -0.18 -17.72 9.08
CA LEU A 688 -1.04 -16.61 8.69
C LEU A 688 -0.98 -15.47 9.68
N LEU A 689 -0.81 -15.77 10.97
CA LEU A 689 -0.60 -14.69 11.95
C LEU A 689 0.71 -13.95 11.67
N ARG A 690 1.75 -14.68 11.26
CA ARG A 690 3.01 -14.04 10.92
C ARG A 690 2.85 -13.07 9.75
N LEU A 691 2.09 -13.47 8.72
CA LEU A 691 1.82 -12.58 7.59
C LEU A 691 1.02 -11.37 8.01
N THR A 692 -0.02 -11.59 8.84
CA THR A 692 -0.84 -10.48 9.33
C THR A 692 0.00 -9.47 10.08
N ARG A 693 0.85 -9.93 11.01
CA ARG A 693 1.66 -9.00 11.78
C ARG A 693 2.68 -8.28 10.92
N ARG A 694 3.24 -8.98 9.92
CA ARG A 694 4.12 -8.32 8.97
C ARG A 694 3.42 -7.16 8.26
N LEU A 695 2.16 -7.37 7.86
CA LEU A 695 1.39 -6.29 7.22
C LEU A 695 1.07 -5.20 8.23
N LEU A 696 0.71 -5.58 9.47
CA LEU A 696 0.37 -4.60 10.49
CA LEU A 696 0.38 -4.61 10.50
C LEU A 696 1.44 -3.52 10.62
N VAL A 697 2.71 -3.89 10.60
CA VAL A 697 3.76 -2.93 10.95
C VAL A 697 4.36 -2.25 9.71
N GLU A 698 3.78 -2.49 8.55
CA GLU A 698 4.22 -1.83 7.32
CA GLU A 698 4.27 -1.82 7.34
C GLU A 698 4.10 -0.31 7.41
N GLY A 699 3.23 0.20 8.28
CA GLY A 699 3.12 1.61 8.53
C GLY A 699 3.94 2.10 9.70
N GLY A 700 4.79 1.24 10.27
CA GLY A 700 5.51 1.60 11.48
C GLY A 700 6.90 1.00 11.57
N VAL A 701 7.14 0.11 12.54
CA VAL A 701 8.48 -0.39 12.76
C VAL A 701 8.99 -1.18 11.55
N GLY A 702 8.07 -1.76 10.76
CA GLY A 702 8.51 -2.49 9.59
C GLY A 702 9.32 -1.64 8.64
N GLN A 703 8.98 -0.37 8.53
CA GLN A 703 9.73 0.49 7.63
CA GLN A 703 9.73 0.50 7.64
C GLN A 703 11.14 0.75 8.15
N PHE A 704 11.35 0.60 9.45
CA PHE A 704 12.64 0.75 10.12
C PHE A 704 13.33 -0.58 10.34
N ALA A 705 13.03 -1.62 9.56
CA ALA A 705 13.61 -2.93 9.86
C ALA A 705 15.14 -2.89 9.81
N ASP A 706 15.72 -2.25 8.78
CA ASP A 706 17.17 -2.15 8.69
C ASP A 706 17.76 -1.38 9.88
N ALA A 707 17.06 -0.32 10.30
CA ALA A 707 17.53 0.52 11.40
C ALA A 707 17.51 -0.22 12.73
N LEU A 708 16.52 -1.10 12.93
CA LEU A 708 16.48 -1.90 14.13
C LEU A 708 17.65 -2.86 14.18
N VAL A 709 17.94 -3.53 13.05
CA VAL A 709 19.00 -4.52 13.03
C VAL A 709 20.35 -3.86 13.23
N ALA A 710 20.52 -2.63 12.76
CA ALA A 710 21.78 -1.91 12.88
C ALA A 710 22.02 -1.30 14.25
N ALA A 711 21.05 -1.34 15.15
CA ALA A 711 21.14 -0.58 16.39
C ALA A 711 22.03 -1.31 17.39
N ALA A 712 23.24 -0.81 17.60
CA ALA A 712 24.15 -1.38 18.58
C ALA A 712 24.82 -0.25 19.35
N PRO A 713 25.14 -0.46 20.61
CA PRO A 713 25.66 0.64 21.43
C PRO A 713 27.08 0.98 21.02
N PRO A 714 27.54 2.19 21.33
CA PRO A 714 28.87 2.60 20.88
C PRO A 714 29.94 1.82 21.61
N GLY A 715 31.12 1.77 21.01
CA GLY A 715 32.25 1.26 21.76
C GLY A 715 33.01 2.38 22.46
N ALA A 716 34.34 2.45 22.29
CA ALA A 716 35.15 3.44 22.98
C ALA A 716 35.71 4.51 22.05
N GLU A 717 34.96 4.85 21.01
CA GLU A 717 35.42 5.79 20.00
C GLU A 717 35.33 7.23 20.49
N LYS A 718 36.14 8.09 19.85
CA LYS A 718 36.02 9.53 20.01
C LYS A 718 35.35 10.17 18.79
#